data_9K6H
#
_entry.id   9K6H
#
_cell.length_a   1.00
_cell.length_b   1.00
_cell.length_c   1.00
_cell.angle_alpha   90.00
_cell.angle_beta   90.00
_cell.angle_gamma   90.00
#
_symmetry.space_group_name_H-M   'P 1'
#
loop_
_entity.id
_entity.type
_entity.pdbx_description
1 polymer 'LINE-1 retrotransposable element ORF2 protein'
2 polymer 'Genomic DNA (top strand)'
3 polymer 'Genomic DNA (bottom strand)'
4 polymer 'Complementary DNA'
5 polymer 'Template RNA'
6 non-polymer "2'-DEOXYADENOSINE 5'-TRIPHOSPHATE"
7 non-polymer 'ZINC ION'
8 non-polymer 'MANGANESE (II) ION'
#
loop_
_entity_poly.entity_id
_entity_poly.type
_entity_poly.pdbx_seq_one_letter_code
_entity_poly.pdbx_strand_id
1 'polypeptide(L)'
;TGSTSHITILTLNINGLNSAIKRHRLASWIKSQDPSVCCIQETHLTCRDTHRLKIKGWRKIYQANGKQKKAGVAILVSDK
TDFKPTKIKRDKEGHYIMVKGSIQQEELTILNIYAPNTGAPRFIKQVLSDLQRDLDSHTLIMGDFNTPLSTLDRSTRQKV
NKDTQELNSALHQADLIDIYRTLHPKSTEYTFFSAPHHTYSKIDHIVGSKALLSKCKRTEIITNYLSDHSAIKLELRIKN
LTQSRSTTWKLNNLLLNDYWVHNEMKAEIKMFFETNENKDTTYQNLWDAFKAVCRGKFIALNAYKRKQERSKIDTLTSQL
KELEKQEQTHSKASRRQEITKIRAELKEIETQKTLQKINESRSWFFERINKIDRPLARLIKKKREKNQIDTIKNDKGDIT
TDPTEIQTTIREYYKHLYANKLENLEEMDTFLDTYTLPRLNQEEVESLNRPITGSEIVAIINSLPTKKSPGPDGFTAEFY
QRYKEELVPFLLKLFQSIEKEGILPNSFYEASIILIPKPGRDTTKKENFRPISLMNIDAKILNKILANRIQQHIKKLIHH
DQVGFIPGMQGWFNIRKSINVIQHINRAKDKNHMIISIDAEKAFDKIQQPFMLKTLNKLGIDGTYFKIIRAIYDKPTANI
ILNGQKLEAFPLKTGTRQGCPLSPLLFNIVLEVLARAIRQEKEIKGIQLGKEEVKLSLFADDMIVYLENPIVSAQNLLKL
ISNFSKVSGYKINVQKSQAFLYTNNRQTESQIMGELPFTIASKRIKYLGIQLTRDVKDLFKENYKPLLKEIKEETNKWKN
IPCSWVGRINIVKMAILPKVIYRFNAIPIKLPMTFFTELEKTTLKFIWNQKRARIAKSILSQKNKAGGITLPDFKLYYKA
TVTKTAWYWYQNRDIDQWNRTEPSEIMPHIYNYLIFDKPEKNKQWGKDSLFNKWCWENWLAICRKLKLDPFLTPYTKINS
RWIKDLNVKPKTIKTLEENLGITIQDIGVGKDFMSKTPKAMATKDKIDKWDLIKLKSFCTAKETTIRVNRQPTTWEKIFA
TYSSDKGLISRIYNELKQIYKKKTNNPIKKWAKDMNRHFSKEDIYAAKKHMKKCSSSLAIREMQIKTTMRYHLTPVRMAI
IKKSGNNRCWRGCGEIGTLLHCWWDCKLVQPLWKSVWRFLRDLELEIPFDPAIPLLGIYPNEYKSCCYKDTCTRMFIAAL
FTIAKTWNQPKCPTMIDWIKKMWHIYTMEYYAAIKNDEFISFVGTWMKLETIILSKLSQEQKTKHRIFSLIGGN
;
A
2 'polydeoxyribonucleotide' (DA)(DA)(DA)(DA)(DA)(DA)(DA)(DA)(DA)(DA)(DA)(DA)(DC)(DC)(DC)(DC)(DC)(DC)(DC)(DC) B
3 'polydeoxyribonucleotide' (DT)(DT)(DT)(DT)(DT)(DT)(DT)(DT)(DT)(DT)(DT)(DT) C
4 'polydeoxyribonucleotide' (DA)(DA)(DA)(DA)(DA)(DA)(DA)(DA)(DA)(DA) D
5 'polyribonucleotide' UUUUUUUUUUUU E
#
loop_
_chem_comp.id
_chem_comp.type
_chem_comp.name
_chem_comp.formula
DA DNA linking 2'-DEOXYADENOSINE-5'-MONOPHOSPHATE 'C10 H14 N5 O6 P'
DC DNA linking 2'-DEOXYCYTIDINE-5'-MONOPHOSPHATE 'C9 H14 N3 O7 P'
DT DNA linking THYMIDINE-5'-MONOPHOSPHATE 'C10 H15 N2 O8 P'
DTP non-polymer '2'-DEOXYADENOSINE 5'-TRIPHOSPHATE' 'C10 H16 N5 O12 P3'
MN non-polymer 'MANGANESE (II) ION' 'Mn 2'
U RNA linking URIDINE-5'-MONOPHOSPHATE 'C9 H13 N2 O9 P'
ZN non-polymer 'ZINC ION' 'Zn 2'
#
# COMPACT_ATOMS: atom_id res chain seq x y z
N THR A 247 -20.68 -25.48 9.46
CA THR A 247 -20.20 -24.24 10.07
C THR A 247 -18.79 -24.42 10.60
N THR A 248 -17.81 -23.88 9.87
CA THR A 248 -16.41 -24.00 10.24
C THR A 248 -16.06 -22.92 11.26
N TRP A 249 -15.37 -23.33 12.32
CA TRP A 249 -15.01 -22.40 13.39
C TRP A 249 -13.92 -21.43 12.92
N LYS A 250 -14.00 -20.20 13.40
CA LYS A 250 -12.99 -19.18 13.13
C LYS A 250 -12.61 -18.51 14.44
N LEU A 251 -11.35 -18.07 14.53
CA LEU A 251 -10.85 -17.41 15.73
C LEU A 251 -11.18 -15.92 15.68
N ASN A 252 -11.77 -15.41 16.76
CA ASN A 252 -12.04 -13.99 16.89
C ASN A 252 -10.81 -13.30 17.47
N ASN A 253 -10.33 -12.26 16.79
CA ASN A 253 -9.10 -11.59 17.21
C ASN A 253 -9.28 -10.87 18.54
N LEU A 254 -10.49 -10.39 18.81
CA LEU A 254 -10.73 -9.70 20.08
C LEU A 254 -10.55 -10.62 21.27
N LEU A 255 -10.72 -11.93 21.07
CA LEU A 255 -10.55 -12.87 22.17
C LEU A 255 -9.09 -12.98 22.59
N LEU A 256 -8.16 -12.75 21.66
CA LEU A 256 -6.74 -12.81 21.99
C LEU A 256 -6.27 -11.61 22.81
N ASN A 257 -7.03 -10.53 22.83
CA ASN A 257 -6.66 -9.34 23.59
C ASN A 257 -7.05 -9.43 25.06
N ASP A 258 -7.71 -10.50 25.47
CA ASP A 258 -8.13 -10.69 26.85
C ASP A 258 -6.95 -11.29 27.61
N TYR A 259 -6.54 -10.63 28.69
CA TYR A 259 -5.33 -11.03 29.41
C TYR A 259 -5.48 -12.40 30.06
N TRP A 260 -6.59 -12.64 30.75
CA TRP A 260 -6.79 -13.92 31.41
C TRP A 260 -6.85 -15.06 30.41
N VAL A 261 -7.58 -14.88 29.31
CA VAL A 261 -7.62 -15.89 28.27
C VAL A 261 -6.24 -16.09 27.66
N HIS A 262 -5.49 -15.00 27.48
CA HIS A 262 -4.14 -15.07 26.97
C HIS A 262 -3.27 -15.99 27.84
N ASN A 263 -3.25 -15.73 29.14
CA ASN A 263 -2.41 -16.52 30.04
C ASN A 263 -2.89 -17.97 30.13
N GLU A 264 -4.21 -18.17 30.19
CA GLU A 264 -4.73 -19.53 30.28
C GLU A 264 -4.37 -20.33 29.03
N MET A 265 -4.48 -19.71 27.85
CA MET A 265 -4.16 -20.41 26.62
C MET A 265 -2.68 -20.67 26.48
N LYS A 266 -1.82 -19.73 26.91
CA LYS A 266 -0.38 -20.00 26.92
C LYS A 266 -0.05 -21.17 27.84
N ALA A 267 -0.66 -21.21 29.02
CA ALA A 267 -0.43 -22.32 29.94
C ALA A 267 -0.92 -23.63 29.35
N GLU A 268 -2.08 -23.62 28.69
CA GLU A 268 -2.59 -24.82 28.05
C GLU A 268 -1.65 -25.31 26.95
N ILE A 269 -1.17 -24.39 26.12
CA ILE A 269 -0.24 -24.76 25.05
C ILE A 269 1.01 -25.40 25.62
N LYS A 270 1.61 -24.75 26.63
CA LYS A 270 2.83 -25.28 27.21
C LYS A 270 2.60 -26.65 27.84
N MET A 271 1.53 -26.78 28.63
CA MET A 271 1.27 -28.03 29.33
C MET A 271 1.02 -29.16 28.34
N PHE A 272 0.14 -28.94 27.37
CA PHE A 272 -0.16 -29.98 26.39
C PHE A 272 1.08 -30.36 25.59
N PHE A 273 1.87 -29.38 25.16
CA PHE A 273 2.94 -29.67 24.24
C PHE A 273 4.19 -30.18 24.95
N GLU A 274 4.23 -30.10 26.28
CA GLU A 274 5.25 -30.82 27.03
C GLU A 274 4.76 -32.12 27.66
N THR A 275 3.45 -32.40 27.66
CA THR A 275 3.01 -33.69 28.14
C THR A 275 2.78 -34.69 27.02
N ASN A 276 2.51 -34.21 25.80
CA ASN A 276 2.23 -35.07 24.66
C ASN A 276 3.42 -35.29 23.75
N GLU A 277 4.57 -34.67 24.04
CA GLU A 277 5.75 -34.82 23.21
C GLU A 277 6.49 -36.09 23.62
N ASN A 278 6.64 -37.02 22.69
CA ASN A 278 7.33 -38.28 22.95
C ASN A 278 7.85 -38.82 21.63
N LYS A 279 8.61 -39.91 21.71
CA LYS A 279 9.18 -40.57 20.53
C LYS A 279 8.30 -41.70 20.02
N ASP A 280 7.13 -41.91 20.61
CA ASP A 280 6.21 -42.96 20.19
C ASP A 280 5.28 -42.52 19.07
N THR A 281 5.32 -41.24 18.68
CA THR A 281 4.48 -40.74 17.61
C THR A 281 5.26 -39.70 16.83
N THR A 282 4.88 -39.54 15.56
CA THR A 282 5.53 -38.55 14.71
C THR A 282 5.02 -37.15 15.05
N TYR A 283 5.78 -36.13 14.62
CA TYR A 283 5.44 -34.77 15.00
C TYR A 283 4.34 -34.16 14.12
N GLN A 284 4.06 -34.74 12.96
CA GLN A 284 2.97 -34.22 12.14
C GLN A 284 1.63 -34.47 12.80
N ASN A 285 1.37 -35.71 13.23
CA ASN A 285 0.13 -35.99 13.94
C ASN A 285 0.11 -35.29 15.29
N LEU A 286 1.28 -35.09 15.91
CA LEU A 286 1.31 -34.36 17.17
C LEU A 286 0.94 -32.90 16.97
N TRP A 287 1.40 -32.28 15.88
CA TRP A 287 1.01 -30.91 15.58
C TRP A 287 -0.48 -30.82 15.25
N ASP A 288 -1.00 -31.81 14.51
CA ASP A 288 -2.43 -31.83 14.24
C ASP A 288 -3.24 -31.94 15.53
N ALA A 289 -2.82 -32.80 16.44
CA ALA A 289 -3.49 -32.94 17.72
C ALA A 289 -3.37 -31.66 18.54
N PHE A 290 -2.23 -30.98 18.43
CA PHE A 290 -2.06 -29.70 19.12
C PHE A 290 -3.03 -28.67 18.58
N LYS A 291 -3.21 -28.63 17.26
CA LYS A 291 -4.18 -27.72 16.66
C LYS A 291 -5.59 -28.04 17.13
N ALA A 292 -5.96 -29.32 17.15
CA ALA A 292 -7.29 -29.71 17.60
C ALA A 292 -7.51 -29.35 19.07
N VAL A 293 -6.50 -29.59 19.91
CA VAL A 293 -6.61 -29.28 21.33
C VAL A 293 -6.71 -27.77 21.54
N CYS A 294 -5.94 -26.98 20.79
CA CYS A 294 -6.04 -25.53 20.88
C CYS A 294 -7.42 -25.06 20.45
N ARG A 295 -7.98 -25.65 19.39
CA ARG A 295 -9.32 -25.29 18.95
C ARG A 295 -10.35 -25.60 20.03
N GLY A 296 -10.28 -26.80 20.61
CA GLY A 296 -11.23 -27.14 21.66
C GLY A 296 -11.09 -26.26 22.89
N LYS A 297 -9.86 -25.97 23.29
CA LYS A 297 -9.64 -25.10 24.44
C LYS A 297 -10.10 -23.69 24.17
N PHE A 298 -9.92 -23.21 22.94
CA PHE A 298 -10.41 -21.88 22.58
C PHE A 298 -11.94 -21.82 22.62
N ILE A 299 -12.60 -22.87 22.12
CA ILE A 299 -14.05 -22.93 22.20
C ILE A 299 -14.51 -22.91 23.65
N ALA A 300 -13.86 -23.73 24.49
CA ALA A 300 -14.23 -23.79 25.90
C ALA A 300 -14.00 -22.46 26.59
N LEU A 301 -12.88 -21.79 26.28
CA LEU A 301 -12.58 -20.50 26.88
C LEU A 301 -13.56 -19.43 26.44
N ASN A 302 -13.95 -19.44 25.16
CA ASN A 302 -14.94 -18.49 24.68
C ASN A 302 -16.29 -18.72 25.36
N ALA A 303 -16.69 -19.98 25.51
CA ALA A 303 -17.93 -20.27 26.21
C ALA A 303 -17.87 -19.83 27.67
N TYR A 304 -16.74 -20.09 28.33
CA TYR A 304 -16.57 -19.66 29.71
C TYR A 304 -16.62 -18.14 29.84
N LYS A 305 -15.98 -17.43 28.91
CA LYS A 305 -16.01 -15.97 28.93
C LYS A 305 -17.42 -15.45 28.71
N ARG A 306 -18.17 -16.07 27.79
CA ARG A 306 -19.56 -15.66 27.58
C ARG A 306 -20.40 -15.90 28.83
N LYS A 307 -20.18 -17.05 29.50
CA LYS A 307 -20.95 -17.35 30.70
C LYS A 307 -20.63 -16.38 31.82
N GLN A 308 -19.35 -16.05 32.03
CA GLN A 308 -18.99 -15.13 33.09
C GLN A 308 -19.43 -13.70 32.78
N GLU A 309 -19.36 -13.28 31.52
CA GLU A 309 -19.77 -11.93 31.16
C GLU A 309 -21.26 -11.70 31.37
N ARG A 310 -22.06 -12.76 31.36
CA ARG A 310 -23.50 -12.64 31.55
C ARG A 310 -23.98 -13.29 32.85
N SER A 311 -23.11 -13.39 33.86
CA SER A 311 -23.51 -14.03 35.12
C SER A 311 -24.58 -13.21 35.84
N LYS A 312 -24.33 -11.92 36.02
CA LYS A 312 -25.26 -11.07 36.77
C LYS A 312 -26.61 -10.99 36.09
N ILE A 313 -26.62 -10.79 34.77
CA ILE A 313 -27.89 -10.71 34.05
C ILE A 313 -28.59 -12.06 34.06
N ASP A 314 -27.85 -13.17 34.00
CA ASP A 314 -28.48 -14.48 34.05
C ASP A 314 -29.16 -14.71 35.41
N THR A 315 -28.47 -14.36 36.50
CA THR A 315 -29.09 -14.51 37.82
C THR A 315 -30.30 -13.60 37.96
N LEU A 316 -30.20 -12.37 37.45
CA LEU A 316 -31.34 -11.45 37.52
C LEU A 316 -32.52 -11.97 36.73
N THR A 317 -32.28 -12.54 35.55
CA THR A 317 -33.38 -13.06 34.74
C THR A 317 -33.99 -14.29 35.38
N SER A 318 -33.17 -15.15 35.99
CA SER A 318 -33.71 -16.30 36.71
C SER A 318 -34.60 -15.85 37.86
N GLN A 319 -34.14 -14.85 38.63
CA GLN A 319 -34.96 -14.32 39.72
C GLN A 319 -36.24 -13.70 39.18
N LEU A 320 -36.15 -12.97 38.07
CA LEU A 320 -37.33 -12.34 37.49
C LEU A 320 -38.35 -13.38 37.03
N LYS A 321 -37.89 -14.44 36.37
CA LYS A 321 -38.80 -15.48 35.92
C LYS A 321 -39.45 -16.21 37.10
N GLU A 322 -38.65 -16.51 38.13
CA GLU A 322 -39.23 -17.16 39.31
C GLU A 322 -40.26 -16.29 39.99
N LEU A 323 -39.96 -14.99 40.13
CA LEU A 323 -40.91 -14.08 40.77
C LEU A 323 -42.15 -13.88 39.92
N GLU A 324 -41.99 -13.87 38.59
CA GLU A 324 -43.15 -13.77 37.71
C GLU A 324 -44.05 -15.00 37.83
N LYS A 325 -43.44 -16.20 37.89
CA LYS A 325 -44.24 -17.40 38.09
C LYS A 325 -44.95 -17.37 39.44
N GLN A 326 -44.26 -16.93 40.49
CA GLN A 326 -44.89 -16.83 41.81
C GLN A 326 -46.03 -15.82 41.80
N GLU A 327 -45.85 -14.69 41.12
CA GLU A 327 -46.90 -13.70 41.02
C GLU A 327 -48.11 -14.23 40.26
N GLN A 328 -47.86 -14.96 39.16
CA GLN A 328 -48.96 -15.55 38.40
C GLN A 328 -49.72 -16.57 39.24
N THR A 329 -49.01 -17.40 40.01
CA THR A 329 -49.69 -18.36 40.86
C THR A 329 -50.42 -17.67 42.01
N HIS A 330 -49.75 -16.72 42.68
CA HIS A 330 -50.35 -15.98 43.79
C HIS A 330 -49.80 -14.56 43.74
N SER A 331 -50.66 -13.58 43.47
CA SER A 331 -50.24 -12.21 43.24
C SER A 331 -50.03 -11.50 44.58
N LYS A 332 -48.85 -10.90 44.75
CA LYS A 332 -48.51 -10.10 45.92
C LYS A 332 -47.99 -8.74 45.47
N ALA A 333 -48.11 -7.76 46.36
CA ALA A 333 -47.60 -6.42 46.06
C ALA A 333 -46.08 -6.37 46.15
N SER A 334 -45.51 -7.03 47.16
CA SER A 334 -44.05 -7.08 47.29
C SER A 334 -43.42 -7.79 46.10
N ARG A 335 -44.06 -8.86 45.63
CA ARG A 335 -43.56 -9.56 44.45
C ARG A 335 -43.60 -8.65 43.22
N ARG A 336 -44.67 -7.86 43.08
CA ARG A 336 -44.75 -6.91 41.97
C ARG A 336 -43.64 -5.87 42.07
N GLN A 337 -43.38 -5.35 43.28
CA GLN A 337 -42.30 -4.38 43.44
C GLN A 337 -40.95 -4.99 43.09
N GLU A 338 -40.69 -6.21 43.54
CA GLU A 338 -39.43 -6.87 43.22
C GLU A 338 -39.29 -7.12 41.73
N ILE A 339 -40.40 -7.53 41.08
CA ILE A 339 -40.36 -7.75 39.63
C ILE A 339 -40.06 -6.45 38.91
N THR A 340 -40.69 -5.35 39.33
CA THR A 340 -40.43 -4.06 38.70
C THR A 340 -38.97 -3.65 38.88
N LYS A 341 -38.43 -3.81 40.09
CA LYS A 341 -37.04 -3.42 40.34
C LYS A 341 -36.07 -4.28 39.52
N ILE A 342 -36.33 -5.58 39.45
CA ILE A 342 -35.45 -6.46 38.67
C ILE A 342 -35.53 -6.10 37.18
N ARG A 343 -36.73 -5.82 36.68
CA ARG A 343 -36.87 -5.41 35.29
C ARG A 343 -36.11 -4.12 35.02
N ALA A 344 -36.21 -3.16 35.94
CA ALA A 344 -35.50 -1.90 35.76
C ALA A 344 -33.99 -2.10 35.75
N GLU A 345 -33.49 -2.93 36.67
CA GLU A 345 -32.05 -3.19 36.73
C GLU A 345 -31.57 -3.91 35.47
N LEU A 346 -32.34 -4.90 35.01
CA LEU A 346 -31.96 -5.62 33.79
C LEU A 346 -31.95 -4.70 32.58
N LYS A 347 -32.96 -3.85 32.46
CA LYS A 347 -33.02 -2.92 31.34
C LYS A 347 -31.88 -1.91 31.40
N GLU A 348 -31.54 -1.44 32.60
CA GLU A 348 -30.41 -0.51 32.74
C GLU A 348 -29.11 -1.18 32.35
N ILE A 349 -28.90 -2.43 32.78
CA ILE A 349 -27.67 -3.14 32.44
C ILE A 349 -27.58 -3.38 30.93
N GLU A 350 -28.68 -3.79 30.31
CA GLU A 350 -28.66 -4.02 28.87
C GLU A 350 -28.43 -2.72 28.10
N THR A 351 -29.06 -1.63 28.54
CA THR A 351 -28.84 -0.34 27.91
C THR A 351 -27.40 0.11 28.04
N GLN A 352 -26.79 -0.10 29.21
CA GLN A 352 -25.39 0.25 29.40
C GLN A 352 -24.50 -0.59 28.49
N LYS A 353 -24.80 -1.88 28.34
CA LYS A 353 -23.99 -2.73 27.48
C LYS A 353 -24.07 -2.29 26.01
N THR A 354 -25.29 -2.01 25.53
CA THR A 354 -25.42 -1.55 24.15
C THR A 354 -24.77 -0.19 23.97
N LEU A 355 -24.91 0.70 24.96
CA LEU A 355 -24.27 2.01 24.86
C LEU A 355 -22.76 1.89 24.80
N GLN A 356 -22.19 0.98 25.61
CA GLN A 356 -20.75 0.77 25.57
C GLN A 356 -20.31 0.20 24.22
N LYS A 357 -21.09 -0.71 23.65
CA LYS A 357 -20.74 -1.25 22.34
C LYS A 357 -20.76 -0.17 21.27
N ILE A 358 -21.83 0.62 21.20
CA ILE A 358 -21.91 1.65 20.17
C ILE A 358 -20.87 2.74 20.43
N ASN A 359 -20.53 2.99 21.69
CA ASN A 359 -19.52 3.99 21.99
C ASN A 359 -18.12 3.50 21.61
N GLU A 360 -17.84 2.21 21.78
CA GLU A 360 -16.58 1.66 21.31
C GLU A 360 -16.49 1.75 19.79
N SER A 361 -17.59 1.44 19.10
CA SER A 361 -17.59 1.57 17.64
C SER A 361 -17.38 3.02 17.21
N ARG A 362 -18.07 3.95 17.88
CA ARG A 362 -17.92 5.36 17.55
C ARG A 362 -16.50 5.84 17.83
N SER A 363 -15.89 5.38 18.92
CA SER A 363 -14.51 5.74 19.22
C SER A 363 -13.56 5.21 18.16
N TRP A 364 -13.74 3.96 17.74
CA TRP A 364 -12.86 3.41 16.71
C TRP A 364 -13.01 4.18 15.40
N PHE A 365 -14.24 4.54 15.03
CA PHE A 365 -14.43 5.33 13.83
C PHE A 365 -13.87 6.74 13.97
N PHE A 366 -14.01 7.32 15.16
CA PHE A 366 -13.59 8.70 15.39
C PHE A 366 -12.07 8.82 15.44
N GLU A 367 -11.37 7.74 15.78
CA GLU A 367 -9.92 7.74 15.71
C GLU A 367 -9.42 7.79 14.27
N ARG A 368 -10.20 7.27 13.31
CA ARG A 368 -9.83 7.27 11.90
C ARG A 368 -10.96 7.81 11.04
N ILE A 369 -11.53 8.95 11.45
CA ILE A 369 -12.72 9.47 10.78
C ILE A 369 -12.39 9.96 9.37
N ASN A 370 -11.30 10.70 9.23
CA ASN A 370 -10.95 11.30 7.94
C ASN A 370 -9.57 10.88 7.46
N LYS A 371 -8.91 9.95 8.14
CA LYS A 371 -7.58 9.51 7.75
C LYS A 371 -7.66 8.48 6.63
N ILE A 372 -6.50 8.14 6.07
CA ILE A 372 -6.42 7.06 5.10
C ILE A 372 -6.47 5.76 5.89
N ASP A 373 -7.64 5.12 5.92
CA ASP A 373 -7.86 3.96 6.75
C ASP A 373 -9.06 3.19 6.17
N ARG A 374 -9.45 2.12 6.87
CA ARG A 374 -10.58 1.31 6.40
C ARG A 374 -11.90 2.08 6.32
N PRO A 375 -12.29 2.91 7.30
CA PRO A 375 -13.59 3.60 7.16
C PRO A 375 -13.69 4.48 5.91
N LEU A 376 -12.66 5.28 5.63
CA LEU A 376 -12.70 6.15 4.46
C LEU A 376 -12.72 5.36 3.15
N ALA A 377 -11.89 4.31 3.06
CA ALA A 377 -11.88 3.49 1.85
C ALA A 377 -13.22 2.78 1.66
N ARG A 378 -13.81 2.28 2.74
CA ARG A 378 -15.12 1.65 2.64
C ARG A 378 -16.18 2.65 2.20
N LEU A 379 -16.07 3.89 2.68
CA LEU A 379 -17.00 4.93 2.25
C LEU A 379 -16.83 5.22 0.76
N ILE A 380 -15.59 5.20 0.28
CA ILE A 380 -15.33 5.35 -1.16
C ILE A 380 -15.94 4.18 -1.92
N LYS A 381 -15.64 2.96 -1.50
CA LYS A 381 -16.03 1.78 -2.24
C LYS A 381 -17.53 1.53 -2.13
N LYS A 382 -18.08 0.78 -3.09
CA LYS A 382 -19.48 0.42 -3.08
C LYS A 382 -19.75 -0.58 -1.96
N LYS A 383 -21.01 -0.99 -1.85
CA LYS A 383 -21.39 -1.97 -0.83
C LYS A 383 -20.68 -3.29 -1.09
N ARG A 384 -20.19 -3.90 -0.01
CA ARG A 384 -19.40 -5.12 -0.14
C ARG A 384 -20.22 -6.24 -0.77
N GLU A 385 -19.60 -6.93 -1.73
CA GLU A 385 -20.28 -8.03 -2.43
C GLU A 385 -20.22 -9.28 -1.59
N LYS A 386 -21.38 -9.86 -1.31
CA LYS A 386 -21.46 -11.07 -0.52
C LYS A 386 -21.08 -12.28 -1.36
N ASN A 387 -20.78 -13.39 -0.68
CA ASN A 387 -20.41 -14.63 -1.34
C ASN A 387 -21.62 -15.47 -1.72
N GLN A 388 -22.80 -14.86 -1.85
CA GLN A 388 -24.03 -15.55 -2.21
C GLN A 388 -24.18 -15.55 -3.73
N ILE A 389 -23.50 -16.49 -4.39
CA ILE A 389 -23.68 -16.70 -5.81
C ILE A 389 -24.86 -17.67 -5.97
N ASP A 390 -25.93 -17.18 -6.58
CA ASP A 390 -27.19 -17.90 -6.70
C ASP A 390 -27.64 -18.13 -8.13
N THR A 391 -27.13 -17.36 -9.08
CA THR A 391 -27.53 -17.43 -10.48
C THR A 391 -26.28 -17.69 -11.30
N ILE A 392 -26.15 -18.92 -11.82
CA ILE A 392 -24.97 -19.33 -12.56
C ILE A 392 -25.39 -20.32 -13.64
N LYS A 393 -24.79 -20.18 -14.83
CA LYS A 393 -25.13 -21.02 -15.96
C LYS A 393 -24.82 -22.49 -15.70
N ASN A 394 -25.76 -23.36 -16.05
CA ASN A 394 -25.59 -24.80 -15.91
C ASN A 394 -24.97 -25.36 -17.18
N ASP A 395 -24.91 -26.70 -17.28
CA ASP A 395 -24.28 -27.34 -18.43
C ASP A 395 -25.15 -27.29 -19.68
N LYS A 396 -26.47 -27.23 -19.53
CA LYS A 396 -27.38 -27.29 -20.66
C LYS A 396 -27.72 -25.92 -21.25
N GLY A 397 -27.12 -24.86 -20.75
CA GLY A 397 -27.32 -23.53 -21.31
C GLY A 397 -28.53 -22.78 -20.80
N ASP A 398 -29.04 -23.11 -19.61
CA ASP A 398 -30.20 -22.46 -19.04
C ASP A 398 -29.85 -21.84 -17.70
N ILE A 399 -30.48 -20.71 -17.40
CA ILE A 399 -30.32 -20.06 -16.10
C ILE A 399 -30.93 -20.94 -15.02
N THR A 400 -30.21 -21.12 -13.92
CA THR A 400 -30.69 -21.89 -12.78
C THR A 400 -30.47 -21.10 -11.50
N THR A 401 -31.38 -21.28 -10.54
CA THR A 401 -31.28 -20.63 -9.24
C THR A 401 -31.44 -21.59 -8.07
N ASP A 402 -31.59 -22.88 -8.34
CA ASP A 402 -31.74 -23.86 -7.26
C ASP A 402 -30.42 -24.03 -6.53
N PRO A 403 -30.36 -23.80 -5.21
CA PRO A 403 -29.07 -23.85 -4.51
C PRO A 403 -28.34 -25.17 -4.66
N THR A 404 -29.05 -26.30 -4.65
CA THR A 404 -28.39 -27.59 -4.79
C THR A 404 -27.76 -27.74 -6.17
N GLU A 405 -28.49 -27.34 -7.22
CA GLU A 405 -27.95 -27.41 -8.57
C GLU A 405 -26.79 -26.43 -8.75
N ILE A 406 -26.93 -25.22 -8.20
CA ILE A 406 -25.87 -24.22 -8.28
C ILE A 406 -24.60 -24.76 -7.65
N GLN A 407 -24.76 -25.32 -6.45
CA GLN A 407 -23.66 -25.88 -5.67
C GLN A 407 -22.98 -27.01 -6.42
N THR A 408 -23.77 -27.97 -6.94
CA THR A 408 -23.18 -29.13 -7.59
C THR A 408 -22.50 -28.73 -8.89
N THR A 409 -23.06 -27.76 -9.62
CA THR A 409 -22.41 -27.29 -10.83
C THR A 409 -21.05 -26.68 -10.53
N ILE A 410 -21.00 -25.80 -9.54
CA ILE A 410 -19.73 -25.17 -9.19
C ILE A 410 -18.71 -26.20 -8.75
N ARG A 411 -19.12 -27.12 -7.86
CA ARG A 411 -18.16 -28.09 -7.33
C ARG A 411 -17.67 -29.03 -8.41
N GLU A 412 -18.56 -29.52 -9.27
CA GLU A 412 -18.14 -30.42 -10.34
C GLU A 412 -17.22 -29.73 -11.32
N TYR A 413 -17.52 -28.47 -11.66
CA TYR A 413 -16.65 -27.74 -12.58
C TYR A 413 -15.26 -27.56 -11.99
N TYR A 414 -15.16 -27.19 -10.72
CA TYR A 414 -13.84 -26.95 -10.15
C TYR A 414 -13.10 -28.25 -9.85
N LYS A 415 -13.83 -29.32 -9.54
CA LYS A 415 -13.20 -30.63 -9.39
C LYS A 415 -12.62 -31.10 -10.72
N HIS A 416 -13.35 -30.89 -11.82
CA HIS A 416 -12.83 -31.22 -13.13
C HIS A 416 -11.62 -30.35 -13.46
N LEU A 417 -11.65 -29.07 -13.10
CA LEU A 417 -10.55 -28.17 -13.42
C LEU A 417 -9.25 -28.63 -12.77
N TYR A 418 -9.31 -29.16 -11.56
CA TYR A 418 -8.13 -29.54 -10.80
C TYR A 418 -7.85 -31.04 -10.83
N ALA A 419 -8.47 -31.78 -11.76
CA ALA A 419 -8.28 -33.22 -11.86
C ALA A 419 -7.43 -33.63 -13.05
N ASN A 420 -7.26 -32.77 -14.06
CA ASN A 420 -6.55 -33.13 -15.28
C ASN A 420 -5.05 -33.07 -15.01
N LYS A 421 -4.51 -34.23 -14.65
CA LYS A 421 -3.08 -34.37 -14.42
C LYS A 421 -2.45 -35.18 -15.54
N LEU A 422 -1.37 -34.66 -16.12
CA LEU A 422 -0.68 -35.31 -17.21
C LEU A 422 0.45 -36.18 -16.67
N GLU A 423 0.55 -37.40 -17.18
CA GLU A 423 1.58 -38.35 -16.78
C GLU A 423 2.59 -38.60 -17.89
N ASN A 424 2.68 -37.67 -18.85
CA ASN A 424 3.63 -37.77 -19.96
C ASN A 424 4.99 -37.22 -19.50
N LEU A 425 5.60 -37.94 -18.56
CA LEU A 425 6.85 -37.49 -17.96
C LEU A 425 7.97 -37.44 -18.99
N GLU A 426 7.95 -38.36 -19.97
CA GLU A 426 9.01 -38.37 -20.98
C GLU A 426 8.97 -37.12 -21.83
N GLU A 427 7.77 -36.66 -22.22
CA GLU A 427 7.67 -35.44 -23.00
C GLU A 427 8.16 -34.23 -22.21
N MET A 428 7.82 -34.17 -20.91
CA MET A 428 8.33 -33.11 -20.07
C MET A 428 9.86 -33.14 -19.99
N ASP A 429 10.44 -34.32 -19.79
CA ASP A 429 11.89 -34.42 -19.73
C ASP A 429 12.52 -33.97 -21.03
N THR A 430 11.94 -34.36 -22.17
CA THR A 430 12.45 -33.92 -23.47
C THR A 430 12.39 -32.41 -23.60
N PHE A 431 11.27 -31.80 -23.20
CA PHE A 431 11.14 -30.36 -23.32
C PHE A 431 12.14 -29.63 -22.44
N LEU A 432 12.33 -30.09 -21.20
CA LEU A 432 13.35 -29.48 -20.35
C LEU A 432 14.74 -29.65 -20.94
N ASP A 433 15.06 -30.83 -21.48
CA ASP A 433 16.39 -31.06 -22.01
C ASP A 433 16.64 -30.28 -23.29
N THR A 434 15.59 -29.93 -24.03
CA THR A 434 15.79 -29.23 -25.30
C THR A 434 16.44 -27.87 -25.12
N TYR A 435 16.00 -27.11 -24.11
CA TYR A 435 16.42 -25.73 -23.93
C TYR A 435 17.33 -25.61 -22.72
N THR A 436 18.19 -24.59 -22.74
CA THR A 436 19.13 -24.34 -21.65
C THR A 436 18.47 -23.51 -20.56
N LEU A 437 18.62 -23.95 -19.32
CA LEU A 437 18.07 -23.28 -18.16
C LEU A 437 19.16 -23.08 -17.11
N PRO A 438 19.02 -22.08 -16.24
CA PRO A 438 20.03 -21.87 -15.20
C PRO A 438 20.12 -23.05 -14.25
N ARG A 439 21.32 -23.28 -13.74
CA ARG A 439 21.58 -24.31 -12.74
C ARG A 439 22.20 -23.65 -11.52
N LEU A 440 21.57 -23.81 -10.37
CA LEU A 440 22.14 -23.30 -9.14
C LEU A 440 23.42 -24.04 -8.78
N ASN A 441 24.44 -23.29 -8.38
CA ASN A 441 25.71 -23.88 -8.01
C ASN A 441 25.59 -24.53 -6.62
N GLN A 442 26.70 -25.09 -6.14
CA GLN A 442 26.69 -25.76 -4.85
C GLN A 442 26.34 -24.79 -3.72
N GLU A 443 26.84 -23.57 -3.79
CA GLU A 443 26.59 -22.59 -2.74
C GLU A 443 25.11 -22.25 -2.64
N GLU A 444 24.46 -21.99 -3.78
CA GLU A 444 23.05 -21.61 -3.75
C GLU A 444 22.17 -22.79 -3.36
N VAL A 445 22.52 -24.00 -3.81
CA VAL A 445 21.77 -25.19 -3.44
C VAL A 445 21.87 -25.42 -1.93
N GLU A 446 23.08 -25.29 -1.37
CA GLU A 446 23.23 -25.43 0.08
C GLU A 446 22.53 -24.31 0.82
N SER A 447 22.40 -23.14 0.19
CA SER A 447 21.61 -22.07 0.79
C SER A 447 20.13 -22.44 0.83
N LEU A 448 19.62 -23.08 -0.22
CA LEU A 448 18.23 -23.51 -0.22
C LEU A 448 17.99 -24.61 0.81
N ASN A 449 18.92 -25.56 0.93
CA ASN A 449 18.76 -26.72 1.80
C ASN A 449 19.29 -26.51 3.20
N ARG A 450 19.62 -25.27 3.56
CA ARG A 450 20.16 -25.00 4.88
C ARG A 450 19.14 -25.33 5.96
N PRO A 451 19.60 -25.81 7.12
CA PRO A 451 18.67 -26.15 8.21
C PRO A 451 17.89 -24.92 8.66
N ILE A 452 16.63 -25.14 9.03
CA ILE A 452 15.74 -24.05 9.40
C ILE A 452 16.10 -23.58 10.81
N THR A 453 15.99 -22.27 11.03
CA THR A 453 16.27 -21.68 12.32
C THR A 453 15.03 -20.99 12.85
N GLY A 454 14.94 -20.90 14.18
CA GLY A 454 13.82 -20.22 14.79
C GLY A 454 13.75 -18.75 14.41
N SER A 455 14.90 -18.13 14.11
CA SER A 455 14.90 -16.75 13.66
C SER A 455 14.11 -16.58 12.37
N GLU A 456 14.21 -17.56 11.47
CA GLU A 456 13.37 -17.54 10.27
C GLU A 456 11.89 -17.62 10.63
N ILE A 457 11.55 -18.43 11.64
CA ILE A 457 10.16 -18.51 12.07
C ILE A 457 9.66 -17.16 12.56
N VAL A 458 10.47 -16.48 13.39
CA VAL A 458 10.09 -15.16 13.88
C VAL A 458 9.96 -14.18 12.73
N ALA A 459 10.91 -14.20 11.79
CA ALA A 459 10.86 -13.27 10.67
C ALA A 459 9.61 -13.47 9.82
N ILE A 460 9.25 -14.72 9.56
CA ILE A 460 8.07 -14.99 8.74
C ILE A 460 6.79 -14.64 9.51
N ILE A 461 6.74 -14.98 10.81
CA ILE A 461 5.55 -14.70 11.60
C ILE A 461 5.30 -13.21 11.71
N ASN A 462 6.37 -12.44 11.95
CA ASN A 462 6.24 -10.98 12.02
C ASN A 462 5.79 -10.40 10.69
N SER A 463 6.16 -11.03 9.58
CA SER A 463 5.79 -10.54 8.25
C SER A 463 4.42 -11.00 7.81
N LEU A 464 3.74 -11.84 8.59
CA LEU A 464 2.41 -12.29 8.23
C LEU A 464 1.43 -11.12 8.26
N PRO A 465 0.66 -10.89 7.20
CA PRO A 465 -0.32 -9.81 7.23
C PRO A 465 -1.40 -10.06 8.27
N THR A 466 -1.88 -8.97 8.87
CA THR A 466 -2.91 -9.03 9.89
C THR A 466 -4.27 -8.71 9.29
N LYS A 467 -5.32 -8.98 10.08
CA LYS A 467 -6.70 -8.77 9.66
C LYS A 467 -7.03 -9.53 8.39
N LYS A 468 -6.51 -10.75 8.29
CA LYS A 468 -6.77 -11.64 7.16
C LYS A 468 -7.60 -12.83 7.63
N SER A 469 -8.41 -13.37 6.72
CA SER A 469 -9.27 -14.48 7.05
C SER A 469 -8.44 -15.72 7.38
N PRO A 470 -8.83 -16.50 8.37
CA PRO A 470 -8.07 -17.69 8.74
C PRO A 470 -8.34 -18.83 7.76
N GLY A 471 -7.51 -19.86 7.84
CA GLY A 471 -7.66 -21.03 7.01
C GLY A 471 -8.76 -21.94 7.51
N PRO A 472 -8.87 -23.14 6.94
CA PRO A 472 -9.89 -24.09 7.41
C PRO A 472 -9.74 -24.45 8.88
N ASP A 473 -8.52 -24.46 9.41
CA ASP A 473 -8.33 -24.76 10.83
C ASP A 473 -8.90 -23.68 11.74
N GLY A 474 -9.20 -22.50 11.21
CA GLY A 474 -9.78 -21.43 11.98
C GLY A 474 -8.80 -20.54 12.71
N PHE A 475 -7.52 -20.88 12.71
CA PHE A 475 -6.52 -20.07 13.42
C PHE A 475 -6.08 -18.91 12.55
N THR A 476 -6.06 -17.72 13.14
CA THR A 476 -5.64 -16.50 12.45
C THR A 476 -4.12 -16.35 12.55
N ALA A 477 -3.59 -15.40 11.78
CA ALA A 477 -2.18 -15.05 11.91
C ALA A 477 -1.89 -14.39 13.26
N GLU A 478 -2.90 -13.76 13.86
CA GLU A 478 -2.71 -13.12 15.15
C GLU A 478 -2.45 -14.14 16.25
N PHE A 479 -2.98 -15.36 16.11
CA PHE A 479 -2.69 -16.40 17.08
C PHE A 479 -1.21 -16.76 17.07
N TYR A 480 -0.61 -16.83 15.88
CA TYR A 480 0.81 -17.17 15.79
C TYR A 480 1.69 -15.99 16.17
N GLN A 481 1.25 -14.77 15.86
CA GLN A 481 2.03 -13.59 16.23
C GLN A 481 1.98 -13.35 17.73
N ARG A 482 0.85 -13.65 18.37
CA ARG A 482 0.67 -13.28 19.77
C ARG A 482 1.22 -14.34 20.71
N TYR A 483 1.02 -15.62 20.39
CA TYR A 483 1.62 -16.72 21.14
C TYR A 483 2.94 -17.15 20.51
N LYS A 484 3.65 -16.18 19.91
CA LYS A 484 4.88 -16.48 19.19
C LYS A 484 5.94 -17.10 20.09
N GLU A 485 6.11 -16.57 21.30
CA GLU A 485 7.20 -17.03 22.16
C GLU A 485 7.10 -18.51 22.48
N GLU A 486 5.88 -19.03 22.66
CA GLU A 486 5.70 -20.45 22.94
C GLU A 486 5.47 -21.29 21.69
N LEU A 487 5.37 -20.67 20.51
CA LEU A 487 5.11 -21.42 19.29
C LEU A 487 6.31 -21.54 18.36
N VAL A 488 7.27 -20.61 18.43
CA VAL A 488 8.48 -20.76 17.62
C VAL A 488 9.24 -22.05 17.92
N PRO A 489 9.47 -22.45 19.18
CA PRO A 489 10.18 -23.73 19.39
C PRO A 489 9.47 -24.92 18.77
N PHE A 490 8.16 -25.02 18.95
CA PHE A 490 7.43 -26.18 18.45
C PHE A 490 7.21 -26.12 16.94
N LEU A 491 6.98 -24.92 16.39
CA LEU A 491 6.93 -24.78 14.94
C LEU A 491 8.27 -25.14 14.31
N LEU A 492 9.37 -24.71 14.93
CA LEU A 492 10.69 -25.04 14.43
C LEU A 492 10.94 -26.54 14.50
N LYS A 493 10.52 -27.19 15.58
CA LYS A 493 10.72 -28.62 15.69
C LYS A 493 9.84 -29.38 14.69
N LEU A 494 8.63 -28.89 14.45
CA LEU A 494 7.78 -29.49 13.43
C LEU A 494 8.39 -29.35 12.04
N PHE A 495 8.96 -28.18 11.73
CA PHE A 495 9.57 -27.99 10.42
C PHE A 495 10.86 -28.80 10.30
N GLN A 496 11.56 -29.00 11.40
CA GLN A 496 12.72 -29.91 11.39
C GLN A 496 12.28 -31.34 11.10
N SER A 497 11.17 -31.77 11.71
CA SER A 497 10.63 -33.09 11.39
C SER A 497 10.25 -33.17 9.92
N ILE A 498 9.69 -32.08 9.39
CA ILE A 498 9.33 -32.05 7.98
C ILE A 498 10.57 -32.18 7.10
N GLU A 499 11.68 -31.55 7.49
CA GLU A 499 12.90 -31.64 6.70
C GLU A 499 13.54 -33.03 6.78
N LYS A 500 13.51 -33.65 7.96
CA LYS A 500 14.06 -35.00 8.09
C LYS A 500 13.22 -36.03 7.33
N GLU A 501 11.91 -36.03 7.54
CA GLU A 501 11.06 -37.08 7.00
C GLU A 501 10.43 -36.73 5.65
N GLY A 502 10.04 -35.49 5.45
CA GLY A 502 9.36 -35.11 4.22
C GLY A 502 7.86 -35.25 4.26
N ILE A 503 7.29 -35.63 5.39
CA ILE A 503 5.85 -35.78 5.56
C ILE A 503 5.31 -34.51 6.22
N LEU A 504 4.25 -33.95 5.64
CA LEU A 504 3.61 -32.79 6.23
C LEU A 504 2.44 -33.20 7.10
N PRO A 505 2.03 -32.36 8.04
CA PRO A 505 0.77 -32.62 8.75
C PRO A 505 -0.40 -32.59 7.78
N ASN A 506 -1.44 -33.36 8.11
CA ASN A 506 -2.60 -33.43 7.24
C ASN A 506 -3.28 -32.07 7.08
N SER A 507 -3.06 -31.14 8.01
CA SER A 507 -3.66 -29.82 7.89
C SER A 507 -2.99 -28.99 6.80
N PHE A 508 -1.71 -29.26 6.51
CA PHE A 508 -1.01 -28.47 5.51
C PHE A 508 -1.63 -28.58 4.13
N TYR A 509 -2.41 -29.62 3.88
CA TYR A 509 -2.99 -29.89 2.57
C TYR A 509 -4.39 -29.28 2.42
N GLU A 510 -5.23 -29.39 3.44
CA GLU A 510 -6.59 -28.91 3.34
C GLU A 510 -6.62 -27.39 3.27
N ALA A 511 -7.47 -26.86 2.38
CA ALA A 511 -7.64 -25.42 2.21
C ALA A 511 -9.08 -25.16 1.78
N SER A 512 -9.50 -23.91 1.92
CA SER A 512 -10.84 -23.50 1.54
C SER A 512 -10.78 -22.54 0.36
N ILE A 513 -11.54 -22.87 -0.69
CA ILE A 513 -11.55 -22.11 -1.92
C ILE A 513 -12.73 -21.14 -1.88
N ILE A 514 -12.44 -19.85 -2.02
CA ILE A 514 -13.45 -18.80 -2.06
C ILE A 514 -13.45 -18.20 -3.47
N LEU A 515 -14.62 -18.09 -4.07
CA LEU A 515 -14.75 -17.64 -5.44
C LEU A 515 -15.09 -16.15 -5.47
N ILE A 516 -14.12 -15.33 -5.85
CA ILE A 516 -14.34 -13.90 -6.07
C ILE A 516 -14.73 -13.68 -7.52
N PRO A 517 -15.81 -12.95 -7.81
CA PRO A 517 -16.09 -12.60 -9.21
C PRO A 517 -14.98 -11.74 -9.77
N LYS A 518 -14.62 -12.03 -11.02
CA LYS A 518 -13.55 -11.27 -11.68
C LYS A 518 -14.11 -9.97 -12.24
N PRO A 519 -13.53 -8.81 -11.90
CA PRO A 519 -14.08 -7.54 -12.36
C PRO A 519 -14.09 -7.46 -13.88
N GLY A 520 -15.14 -6.84 -14.41
CA GLY A 520 -15.31 -6.71 -15.85
C GLY A 520 -15.80 -7.95 -16.55
N ARG A 521 -16.17 -8.99 -15.80
CA ARG A 521 -16.64 -10.25 -16.38
C ARG A 521 -18.07 -10.52 -15.96
N ASP A 522 -18.69 -11.49 -16.63
CA ASP A 522 -20.10 -11.79 -16.42
C ASP A 522 -20.22 -12.73 -15.22
N THR A 523 -21.00 -12.32 -14.22
CA THR A 523 -21.09 -13.08 -12.98
C THR A 523 -21.67 -14.48 -13.19
N THR A 524 -22.72 -14.60 -14.00
CA THR A 524 -23.42 -15.88 -14.12
C THR A 524 -22.53 -16.98 -14.73
N LYS A 525 -21.44 -16.61 -15.39
CA LYS A 525 -20.53 -17.64 -15.92
C LYS A 525 -19.78 -18.31 -14.79
N LYS A 526 -19.69 -19.65 -14.84
CA LYS A 526 -18.98 -20.38 -13.80
C LYS A 526 -17.47 -20.28 -13.94
N GLU A 527 -16.98 -20.00 -15.14
CA GLU A 527 -15.54 -19.85 -15.39
C GLU A 527 -15.04 -18.46 -15.08
N ASN A 528 -15.92 -17.55 -14.63
CA ASN A 528 -15.58 -16.16 -14.39
C ASN A 528 -15.32 -15.87 -12.91
N PHE A 529 -14.94 -16.89 -12.14
CA PHE A 529 -14.66 -16.73 -10.72
C PHE A 529 -13.21 -17.13 -10.46
N ARG A 530 -12.53 -16.35 -9.61
CA ARG A 530 -11.17 -16.65 -9.22
C ARG A 530 -11.17 -17.51 -7.97
N PRO A 531 -10.68 -18.75 -8.02
CA PRO A 531 -10.68 -19.63 -6.84
C PRO A 531 -9.46 -19.46 -5.93
N ILE A 532 -9.48 -18.38 -5.14
CA ILE A 532 -8.43 -18.18 -4.15
C ILE A 532 -8.60 -19.18 -3.03
N SER A 533 -7.50 -19.58 -2.40
CA SER A 533 -7.53 -20.57 -1.34
C SER A 533 -6.97 -19.97 -0.06
N LEU A 534 -7.72 -20.13 1.04
CA LEU A 534 -7.26 -19.76 2.36
C LEU A 534 -6.57 -20.97 2.98
N MET A 535 -5.27 -20.86 3.21
CA MET A 535 -4.48 -21.91 3.83
C MET A 535 -4.37 -21.66 5.32
N ASN A 536 -4.01 -22.72 6.05
CA ASN A 536 -3.69 -22.55 7.45
C ASN A 536 -2.46 -21.66 7.59
N ILE A 537 -2.42 -20.87 8.66
CA ILE A 537 -1.34 -19.91 8.82
C ILE A 537 -0.01 -20.61 9.03
N ASP A 538 -0.01 -21.83 9.55
CA ASP A 538 1.21 -22.61 9.66
C ASP A 538 1.71 -23.08 8.30
N ALA A 539 0.80 -23.54 7.44
CA ALA A 539 1.17 -23.88 6.08
C ALA A 539 1.65 -22.63 5.32
N LYS A 540 0.99 -21.49 5.57
CA LYS A 540 1.45 -20.24 4.99
C LYS A 540 2.84 -19.88 5.49
N ILE A 541 3.14 -20.15 6.76
CA ILE A 541 4.47 -19.88 7.31
C ILE A 541 5.51 -20.73 6.59
N LEU A 542 5.23 -22.02 6.43
CA LEU A 542 6.19 -22.89 5.74
C LEU A 542 6.38 -22.45 4.30
N ASN A 543 5.29 -22.14 3.60
CA ASN A 543 5.41 -21.74 2.20
C ASN A 543 6.08 -20.38 2.06
N LYS A 544 5.94 -19.51 3.07
CA LYS A 544 6.62 -18.22 3.03
C LYS A 544 8.10 -18.37 3.30
N ILE A 545 8.47 -19.28 4.20
CA ILE A 545 9.89 -19.62 4.37
C ILE A 545 10.46 -20.11 3.05
N LEU A 546 9.75 -21.02 2.39
CA LEU A 546 10.20 -21.55 1.10
C LEU A 546 10.30 -20.46 0.05
N ALA A 547 9.30 -19.56 0.02
CA ALA A 547 9.29 -18.49 -0.96
C ALA A 547 10.45 -17.53 -0.74
N ASN A 548 10.77 -17.22 0.51
CA ASN A 548 11.93 -16.38 0.79
C ASN A 548 13.21 -17.07 0.38
N ARG A 549 13.33 -18.36 0.66
CA ARG A 549 14.53 -19.11 0.27
C ARG A 549 14.72 -19.09 -1.24
N ILE A 550 13.64 -19.26 -2.00
CA ILE A 550 13.78 -19.25 -3.45
C ILE A 550 13.92 -17.82 -3.99
N GLN A 551 13.38 -16.83 -3.27
CA GLN A 551 13.53 -15.45 -3.67
C GLN A 551 14.96 -14.98 -3.48
N GLN A 552 15.71 -15.62 -2.59
CA GLN A 552 17.14 -15.32 -2.45
C GLN A 552 17.88 -15.49 -3.77
N HIS A 553 17.44 -16.43 -4.62
CA HIS A 553 18.10 -16.70 -5.89
C HIS A 553 17.18 -16.48 -7.09
N ILE A 554 15.99 -15.92 -6.88
CA ILE A 554 15.06 -15.65 -7.96
C ILE A 554 15.66 -14.70 -9.00
N LYS A 555 16.65 -13.89 -8.61
CA LYS A 555 17.30 -13.01 -9.56
C LYS A 555 18.12 -13.78 -10.58
N LYS A 556 18.70 -14.92 -10.20
CA LYS A 556 19.43 -15.76 -11.13
C LYS A 556 18.52 -16.75 -11.83
N LEU A 557 17.51 -17.25 -11.14
CA LEU A 557 16.59 -18.22 -11.75
C LEU A 557 15.81 -17.61 -12.91
N ILE A 558 15.34 -16.37 -12.75
CA ILE A 558 14.44 -15.75 -13.71
C ILE A 558 15.13 -14.53 -14.32
N HIS A 559 15.02 -14.40 -15.64
CA HIS A 559 15.57 -13.28 -16.37
C HIS A 559 14.88 -11.98 -15.96
N HIS A 560 15.49 -10.87 -16.35
CA HIS A 560 14.93 -9.55 -16.04
C HIS A 560 13.79 -9.17 -16.98
N ASP A 561 13.51 -9.97 -18.01
CA ASP A 561 12.34 -9.74 -18.83
C ASP A 561 11.06 -9.91 -18.03
N GLN A 562 11.08 -10.76 -17.01
CA GLN A 562 9.92 -11.01 -16.15
C GLN A 562 10.06 -10.18 -14.88
N VAL A 563 9.07 -9.32 -14.64
CA VAL A 563 9.08 -8.47 -13.46
C VAL A 563 7.90 -8.75 -12.52
N GLY A 564 6.94 -9.58 -12.92
CA GLY A 564 5.82 -9.90 -12.05
C GLY A 564 6.27 -10.78 -10.90
N PHE A 565 5.86 -10.42 -9.69
CA PHE A 565 6.17 -11.14 -8.45
C PHE A 565 7.67 -11.17 -8.16
N ILE A 566 8.49 -10.48 -8.93
CA ILE A 566 9.93 -10.48 -8.75
C ILE A 566 10.31 -9.23 -7.96
N PRO A 567 10.92 -9.36 -6.79
CA PRO A 567 11.27 -8.19 -5.99
C PRO A 567 12.25 -7.27 -6.71
N GLY A 568 12.07 -5.97 -6.51
CA GLY A 568 13.01 -4.98 -7.00
C GLY A 568 12.81 -4.52 -8.43
N MET A 569 11.81 -5.03 -9.13
CA MET A 569 11.51 -4.57 -10.48
C MET A 569 10.05 -4.16 -10.57
N GLN A 570 9.81 -2.98 -11.14
CA GLN A 570 8.48 -2.40 -11.24
C GLN A 570 7.77 -2.88 -12.49
N GLY A 571 6.44 -2.72 -12.49
CA GLY A 571 5.65 -3.13 -13.63
C GLY A 571 5.92 -2.31 -14.87
N TRP A 572 6.18 -1.00 -14.69
CA TRP A 572 6.38 -0.13 -15.84
C TRP A 572 7.67 -0.42 -16.58
N PHE A 573 8.55 -1.25 -16.02
CA PHE A 573 9.72 -1.71 -16.74
C PHE A 573 9.34 -2.28 -18.10
N ASN A 574 8.28 -3.08 -18.14
CA ASN A 574 7.82 -3.64 -19.41
C ASN A 574 6.96 -2.65 -20.19
N ILE A 575 6.24 -1.77 -19.48
CA ILE A 575 5.34 -0.84 -20.17
C ILE A 575 6.15 0.13 -21.04
N ARG A 576 7.19 0.73 -20.45
CA ARG A 576 8.03 1.66 -21.21
C ARG A 576 8.76 0.94 -22.32
N LYS A 577 9.18 -0.31 -22.07
CA LYS A 577 9.87 -1.09 -23.09
C LYS A 577 8.96 -1.38 -24.27
N SER A 578 7.71 -1.77 -24.00
CA SER A 578 6.76 -2.01 -25.08
C SER A 578 6.45 -0.73 -25.83
N ILE A 579 6.33 0.39 -25.12
CA ILE A 579 6.08 1.66 -25.79
C ILE A 579 7.22 2.02 -26.73
N ASN A 580 8.46 1.82 -26.27
CA ASN A 580 9.61 2.10 -27.12
C ASN A 580 9.65 1.18 -28.33
N VAL A 581 9.31 -0.10 -28.15
CA VAL A 581 9.28 -1.03 -29.28
C VAL A 581 8.19 -0.62 -30.28
N ILE A 582 7.02 -0.24 -29.77
CA ILE A 582 5.94 0.21 -30.65
C ILE A 582 6.37 1.43 -31.44
N GLN A 583 7.03 2.38 -30.77
CA GLN A 583 7.51 3.57 -31.46
C GLN A 583 8.54 3.21 -32.53
N HIS A 584 9.45 2.28 -32.21
CA HIS A 584 10.43 1.86 -33.20
C HIS A 584 9.75 1.22 -34.41
N ILE A 585 8.68 0.47 -34.18
CA ILE A 585 7.92 -0.08 -35.30
C ILE A 585 7.28 1.03 -36.11
N ASN A 586 6.71 2.02 -35.44
CA ASN A 586 6.02 3.11 -36.15
C ASN A 586 7.00 3.91 -37.01
N ARG A 587 8.24 4.06 -36.55
CA ARG A 587 9.26 4.76 -37.31
C ARG A 587 9.95 3.86 -38.34
N ALA A 588 9.67 2.56 -38.33
CA ALA A 588 10.31 1.66 -39.27
C ALA A 588 9.84 1.94 -40.69
N LYS A 589 10.79 2.03 -41.62
CA LYS A 589 10.43 2.26 -43.01
C LYS A 589 9.64 1.08 -43.57
N ASP A 590 10.05 -0.14 -43.25
CA ASP A 590 9.31 -1.34 -43.60
C ASP A 590 8.70 -1.92 -42.34
N LYS A 591 7.37 -2.05 -42.33
CA LYS A 591 6.63 -2.48 -41.14
C LYS A 591 6.23 -3.94 -41.32
N ASN A 592 6.98 -4.82 -40.67
CA ASN A 592 6.74 -6.26 -40.71
C ASN A 592 6.85 -6.83 -39.31
N HIS A 593 6.19 -6.21 -38.35
CA HIS A 593 6.31 -6.57 -36.94
C HIS A 593 4.95 -6.90 -36.36
N MET A 594 4.96 -7.70 -35.29
CA MET A 594 3.78 -7.97 -34.49
C MET A 594 4.14 -7.86 -33.03
N ILE A 595 3.16 -7.44 -32.22
CA ILE A 595 3.31 -7.39 -30.76
C ILE A 595 2.07 -8.04 -30.15
N ILE A 596 2.21 -9.26 -29.67
CA ILE A 596 1.09 -10.04 -29.15
C ILE A 596 1.13 -9.97 -27.63
N SER A 597 0.03 -9.50 -27.04
CA SER A 597 -0.17 -9.51 -25.60
C SER A 597 -0.89 -10.79 -25.23
N ILE A 598 -0.15 -11.78 -24.77
CA ILE A 598 -0.67 -13.12 -24.46
C ILE A 598 -0.87 -13.19 -22.95
N ASP A 599 -2.08 -13.56 -22.54
CA ASP A 599 -2.38 -13.80 -21.13
C ASP A 599 -2.73 -15.27 -20.98
N ALA A 600 -2.18 -15.91 -19.95
CA ALA A 600 -2.48 -17.31 -19.69
C ALA A 600 -3.86 -17.44 -19.08
N GLU A 601 -4.64 -18.39 -19.60
CA GLU A 601 -5.96 -18.69 -19.04
C GLU A 601 -5.76 -19.52 -17.79
N LYS A 602 -6.17 -18.98 -16.64
CA LYS A 602 -6.01 -19.63 -15.35
C LYS A 602 -4.53 -19.98 -15.12
N ALA A 603 -3.74 -18.91 -14.97
CA ALA A 603 -2.28 -18.97 -15.06
C ALA A 603 -1.68 -20.17 -14.35
N PHE A 604 -1.85 -20.26 -13.04
CA PHE A 604 -1.44 -21.46 -12.33
C PHE A 604 -2.61 -22.16 -11.66
N ASP A 605 -3.74 -22.23 -12.34
CA ASP A 605 -4.77 -23.22 -12.04
C ASP A 605 -4.70 -24.41 -12.98
N LYS A 606 -4.00 -24.27 -14.11
CA LYS A 606 -3.78 -25.36 -15.05
C LYS A 606 -2.32 -25.76 -15.15
N ILE A 607 -1.45 -25.14 -14.36
CA ILE A 607 -0.04 -25.52 -14.36
C ILE A 607 0.09 -26.93 -13.83
N GLN A 608 1.14 -27.63 -14.26
CA GLN A 608 1.30 -29.03 -13.89
C GLN A 608 2.30 -29.16 -12.75
N GLN A 609 1.89 -29.86 -11.69
CA GLN A 609 2.82 -30.19 -10.62
C GLN A 609 3.98 -31.07 -11.08
N PRO A 610 3.79 -32.13 -11.88
CA PRO A 610 4.96 -32.88 -12.38
C PRO A 610 5.92 -32.03 -13.18
N PHE A 611 5.41 -31.14 -14.05
CA PHE A 611 6.30 -30.28 -14.82
C PHE A 611 7.04 -29.31 -13.91
N MET A 612 6.36 -28.79 -12.88
CA MET A 612 7.02 -27.92 -11.93
C MET A 612 8.13 -28.64 -11.18
N LEU A 613 7.88 -29.88 -10.75
CA LEU A 613 8.91 -30.65 -10.06
C LEU A 613 10.10 -30.92 -10.98
N LYS A 614 9.82 -31.27 -12.23
CA LYS A 614 10.89 -31.52 -13.19
C LYS A 614 11.69 -30.25 -13.46
N THR A 615 11.00 -29.10 -13.54
CA THR A 615 11.69 -27.83 -13.74
C THR A 615 12.59 -27.50 -12.56
N LEU A 616 12.09 -27.71 -11.34
CA LEU A 616 12.90 -27.44 -10.16
C LEU A 616 14.11 -28.36 -10.11
N ASN A 617 13.93 -29.62 -10.50
CA ASN A 617 15.07 -30.52 -10.59
C ASN A 617 16.08 -30.04 -11.62
N LYS A 618 15.60 -29.57 -12.78
CA LYS A 618 16.48 -29.10 -13.84
C LYS A 618 17.16 -27.78 -13.50
N LEU A 619 16.65 -27.03 -12.54
CA LEU A 619 17.25 -25.77 -12.13
C LEU A 619 18.26 -25.95 -11.01
N GLY A 620 18.64 -27.19 -10.70
CA GLY A 620 19.55 -27.48 -9.62
C GLY A 620 18.92 -27.56 -8.25
N ILE A 621 17.62 -27.28 -8.14
CA ILE A 621 16.94 -27.31 -6.86
C ILE A 621 16.64 -28.75 -6.50
N ASP A 622 17.42 -29.31 -5.57
CA ASP A 622 17.25 -30.70 -5.17
C ASP A 622 17.69 -30.83 -3.72
N GLY A 623 17.29 -31.92 -3.10
CA GLY A 623 17.62 -32.19 -1.71
C GLY A 623 16.43 -31.89 -0.80
N THR A 624 16.72 -31.24 0.33
CA THR A 624 15.68 -30.99 1.32
C THR A 624 14.62 -30.04 0.79
N TYR A 625 15.03 -28.97 0.10
CA TYR A 625 14.08 -27.98 -0.37
C TYR A 625 13.13 -28.56 -1.41
N PHE A 626 13.68 -29.26 -2.42
CA PHE A 626 12.82 -29.84 -3.44
C PHE A 626 11.96 -30.95 -2.88
N LYS A 627 12.48 -31.69 -1.89
CA LYS A 627 11.69 -32.72 -1.24
C LYS A 627 10.50 -32.11 -0.49
N ILE A 628 10.72 -30.96 0.16
CA ILE A 628 9.61 -30.27 0.82
C ILE A 628 8.62 -29.76 -0.21
N ILE A 629 9.12 -29.23 -1.32
CA ILE A 629 8.24 -28.76 -2.40
C ILE A 629 7.36 -29.89 -2.89
N ARG A 630 7.95 -31.06 -3.13
CA ARG A 630 7.18 -32.23 -3.54
C ARG A 630 6.20 -32.65 -2.45
N ALA A 631 6.57 -32.46 -1.18
CA ALA A 631 5.68 -32.79 -0.08
C ALA A 631 4.44 -31.91 -0.08
N ILE A 632 4.60 -30.61 -0.31
CA ILE A 632 3.46 -29.70 -0.25
C ILE A 632 2.54 -29.84 -1.46
N TYR A 633 3.00 -30.50 -2.52
CA TYR A 633 2.17 -30.78 -3.68
C TYR A 633 1.86 -32.27 -3.82
N ASP A 634 2.03 -33.03 -2.73
CA ASP A 634 1.80 -34.46 -2.78
C ASP A 634 0.31 -34.77 -2.90
N LYS A 635 -0.47 -34.37 -1.90
CA LYS A 635 -1.92 -34.53 -1.91
C LYS A 635 -2.61 -33.24 -1.47
N PRO A 636 -2.53 -32.18 -2.28
CA PRO A 636 -3.31 -30.98 -1.95
C PRO A 636 -4.79 -31.27 -2.02
N THR A 637 -5.56 -30.57 -1.19
CA THR A 637 -6.99 -30.80 -1.09
C THR A 637 -7.68 -29.50 -0.75
N ALA A 638 -8.70 -29.14 -1.52
CA ALA A 638 -9.42 -27.89 -1.31
C ALA A 638 -10.92 -28.15 -1.36
N ASN A 639 -11.65 -27.47 -0.48
CA ASN A 639 -13.10 -27.53 -0.45
C ASN A 639 -13.65 -26.11 -0.58
N ILE A 640 -14.58 -25.92 -1.51
CA ILE A 640 -15.11 -24.59 -1.80
C ILE A 640 -16.06 -24.18 -0.68
N ILE A 641 -15.86 -22.97 -0.16
CA ILE A 641 -16.78 -22.36 0.80
C ILE A 641 -17.78 -21.58 -0.04
N LEU A 642 -18.92 -22.20 -0.33
CA LEU A 642 -19.90 -21.64 -1.25
C LEU A 642 -21.14 -21.24 -0.47
N ASN A 643 -21.49 -19.94 -0.54
CA ASN A 643 -22.66 -19.41 0.15
C ASN A 643 -22.64 -19.70 1.64
N GLY A 644 -21.44 -19.70 2.22
CA GLY A 644 -21.28 -19.99 3.64
C GLY A 644 -21.32 -21.46 4.00
N GLN A 645 -21.46 -22.35 3.02
CA GLN A 645 -21.54 -23.78 3.26
C GLN A 645 -20.30 -24.46 2.72
N LYS A 646 -19.65 -25.26 3.57
CA LYS A 646 -18.43 -25.96 3.19
C LYS A 646 -18.78 -27.12 2.26
N LEU A 647 -18.15 -27.15 1.10
CA LEU A 647 -18.41 -28.22 0.15
C LEU A 647 -17.54 -29.44 0.48
N GLU A 648 -17.94 -30.59 -0.05
CA GLU A 648 -17.12 -31.77 0.10
C GLU A 648 -15.84 -31.61 -0.71
N ALA A 649 -14.70 -31.93 -0.10
CA ALA A 649 -13.41 -31.60 -0.65
C ALA A 649 -13.06 -32.45 -1.86
N PHE A 650 -12.30 -31.86 -2.78
CA PHE A 650 -11.79 -32.55 -3.95
C PHE A 650 -10.27 -32.40 -4.02
N PRO A 651 -9.57 -33.39 -4.60
CA PRO A 651 -8.12 -33.29 -4.69
C PRO A 651 -7.67 -32.24 -5.69
N LEU A 652 -6.53 -31.63 -5.42
CA LEU A 652 -5.88 -30.70 -6.36
C LEU A 652 -4.78 -31.44 -7.13
N LYS A 653 -5.20 -32.39 -7.96
CA LYS A 653 -4.24 -33.19 -8.72
C LYS A 653 -3.46 -32.33 -9.69
N THR A 654 -3.99 -31.19 -10.11
CA THR A 654 -3.29 -30.29 -11.01
C THR A 654 -3.46 -28.85 -10.51
N GLY A 655 -2.64 -27.97 -11.06
CA GLY A 655 -2.70 -26.58 -10.69
C GLY A 655 -1.90 -26.26 -9.43
N THR A 656 -1.68 -24.97 -9.23
CA THR A 656 -0.97 -24.46 -8.07
C THR A 656 -1.93 -23.62 -7.24
N ARG A 657 -1.98 -23.89 -5.94
CA ARG A 657 -2.98 -23.26 -5.09
C ARG A 657 -2.78 -21.75 -5.02
N GLN A 658 -3.85 -21.02 -5.36
CA GLN A 658 -3.84 -19.57 -5.23
C GLN A 658 -3.96 -19.18 -3.75
N GLY A 659 -3.45 -18.00 -3.43
CA GLY A 659 -3.42 -17.57 -2.05
C GLY A 659 -2.31 -18.18 -1.22
N CYS A 660 -1.35 -18.83 -1.85
CA CYS A 660 -0.16 -19.43 -1.25
C CYS A 660 1.04 -18.50 -1.43
N PRO A 661 1.86 -18.31 -0.39
CA PRO A 661 3.03 -17.44 -0.55
C PRO A 661 4.00 -17.92 -1.62
N LEU A 662 4.10 -19.23 -1.84
CA LEU A 662 5.08 -19.78 -2.74
C LEU A 662 4.56 -19.91 -4.18
N SER A 663 3.25 -19.78 -4.38
CA SER A 663 2.69 -19.99 -5.72
C SER A 663 3.24 -19.01 -6.76
N PRO A 664 3.34 -17.69 -6.50
CA PRO A 664 3.89 -16.82 -7.55
C PRO A 664 5.29 -17.18 -7.99
N LEU A 665 6.16 -17.52 -7.04
CA LEU A 665 7.55 -17.85 -7.38
C LEU A 665 7.63 -19.12 -8.21
N LEU A 666 6.88 -20.15 -7.82
CA LEU A 666 6.90 -21.40 -8.57
C LEU A 666 6.29 -21.23 -9.96
N PHE A 667 5.22 -20.44 -10.06
CA PHE A 667 4.64 -20.17 -11.38
C PHE A 667 5.62 -19.41 -12.26
N ASN A 668 6.32 -18.43 -11.69
CA ASN A 668 7.32 -17.69 -12.47
C ASN A 668 8.44 -18.62 -12.92
N ILE A 669 8.87 -19.53 -12.03
CA ILE A 669 9.91 -20.50 -12.37
C ILE A 669 9.46 -21.37 -13.54
N VAL A 670 8.22 -21.86 -13.50
CA VAL A 670 7.74 -22.72 -14.57
C VAL A 670 7.60 -21.95 -15.87
N LEU A 671 7.01 -20.75 -15.82
CA LEU A 671 6.82 -19.95 -17.02
C LEU A 671 8.15 -19.46 -17.60
N GLU A 672 9.20 -19.39 -16.79
CA GLU A 672 10.51 -19.02 -17.31
C GLU A 672 11.06 -20.07 -18.26
N VAL A 673 10.60 -21.33 -18.17
CA VAL A 673 10.99 -22.32 -19.17
C VAL A 673 10.50 -21.89 -20.55
N LEU A 674 9.23 -21.47 -20.62
CA LEU A 674 8.70 -20.96 -21.88
C LEU A 674 9.39 -19.67 -22.29
N ALA A 675 9.70 -18.81 -21.32
CA ALA A 675 10.37 -17.54 -21.64
C ALA A 675 11.73 -17.79 -22.27
N ARG A 676 12.53 -18.68 -21.68
CA ARG A 676 13.83 -19.00 -22.25
C ARG A 676 13.71 -19.77 -23.56
N ALA A 677 12.67 -20.58 -23.71
CA ALA A 677 12.45 -21.24 -25.00
C ALA A 677 12.16 -20.21 -26.10
N ILE A 678 11.37 -19.19 -25.77
CA ILE A 678 11.08 -18.13 -26.73
C ILE A 678 12.34 -17.33 -27.05
N ARG A 679 13.13 -17.00 -26.02
CA ARG A 679 14.34 -16.22 -26.25
C ARG A 679 15.40 -17.02 -27.02
N GLN A 680 15.46 -18.32 -26.79
CA GLN A 680 16.53 -19.12 -27.37
C GLN A 680 16.19 -19.70 -28.74
N GLU A 681 14.94 -19.57 -29.19
CA GLU A 681 14.54 -20.11 -30.48
C GLU A 681 14.85 -19.08 -31.55
N LYS A 682 15.91 -19.34 -32.33
CA LYS A 682 16.32 -18.41 -33.37
C LYS A 682 15.31 -18.32 -34.50
N GLU A 683 14.46 -19.34 -34.66
CA GLU A 683 13.46 -19.32 -35.73
C GLU A 683 12.47 -18.17 -35.56
N ILE A 684 12.04 -17.92 -34.33
CA ILE A 684 11.22 -16.75 -34.03
C ILE A 684 12.18 -15.58 -33.85
N LYS A 685 11.88 -14.45 -34.49
CA LYS A 685 12.79 -13.33 -34.52
C LYS A 685 12.20 -12.17 -33.73
N GLY A 686 13.01 -11.58 -32.85
CA GLY A 686 12.62 -10.40 -32.13
C GLY A 686 12.87 -9.15 -32.96
N ILE A 687 12.57 -8.01 -32.35
CA ILE A 687 12.72 -6.72 -33.01
C ILE A 687 14.06 -6.13 -32.59
N GLN A 688 14.91 -5.83 -33.57
CA GLN A 688 16.27 -5.38 -33.33
C GLN A 688 16.26 -3.87 -33.10
N LEU A 689 16.26 -3.46 -31.83
CA LEU A 689 16.31 -2.06 -31.46
C LEU A 689 17.74 -1.69 -31.15
N GLY A 690 18.37 -0.94 -32.05
CA GLY A 690 19.76 -0.55 -31.85
C GLY A 690 20.66 -1.77 -31.94
N LYS A 691 21.50 -1.95 -30.91
CA LYS A 691 22.44 -3.06 -30.87
C LYS A 691 21.91 -4.25 -30.06
N GLU A 692 20.65 -4.22 -29.67
CA GLU A 692 20.05 -5.26 -28.83
C GLU A 692 18.80 -5.80 -29.50
N GLU A 693 18.48 -7.05 -29.21
CA GLU A 693 17.29 -7.70 -29.75
C GLU A 693 16.26 -7.85 -28.64
N VAL A 694 15.02 -7.46 -28.92
CA VAL A 694 13.94 -7.48 -27.95
C VAL A 694 12.90 -8.48 -28.43
N LYS A 695 12.66 -9.53 -27.62
CA LYS A 695 11.75 -10.60 -27.98
C LYS A 695 10.50 -10.65 -27.10
N LEU A 696 10.64 -10.46 -25.80
CA LEU A 696 9.53 -10.70 -24.89
C LEU A 696 9.71 -9.92 -23.60
N SER A 697 8.58 -9.70 -22.91
CA SER A 697 8.55 -9.14 -21.57
C SER A 697 7.37 -9.73 -20.81
N LEU A 698 7.62 -10.10 -19.56
CA LEU A 698 6.64 -10.80 -18.75
C LEU A 698 6.29 -10.00 -17.50
N PHE A 699 5.01 -10.04 -17.15
CA PHE A 699 4.52 -9.57 -15.85
C PHE A 699 3.52 -10.60 -15.39
N ALA A 700 3.94 -11.44 -14.44
CA ALA A 700 3.16 -12.62 -14.00
C ALA A 700 2.96 -13.49 -15.23
N ASP A 701 1.73 -13.76 -15.67
CA ASP A 701 1.48 -14.50 -16.90
C ASP A 701 1.17 -13.59 -18.08
N ASP A 702 1.20 -12.27 -17.89
CA ASP A 702 0.97 -11.31 -18.96
C ASP A 702 2.25 -11.18 -19.77
N MET A 703 2.36 -11.94 -20.85
CA MET A 703 3.55 -11.96 -21.68
C MET A 703 3.29 -11.23 -22.99
N ILE A 704 4.18 -10.31 -23.33
CA ILE A 704 4.12 -9.58 -24.59
C ILE A 704 5.32 -9.98 -25.43
N VAL A 705 5.05 -10.41 -26.66
CA VAL A 705 6.08 -10.91 -27.57
C VAL A 705 6.16 -9.97 -28.76
N TYR A 706 7.37 -9.48 -29.04
CA TYR A 706 7.65 -8.62 -30.18
C TYR A 706 8.33 -9.45 -31.26
N LEU A 707 7.78 -9.44 -32.46
CA LEU A 707 8.26 -10.30 -33.55
C LEU A 707 8.61 -9.48 -34.78
N GLU A 708 9.60 -9.96 -35.52
CA GLU A 708 9.94 -9.48 -36.84
C GLU A 708 9.68 -10.59 -37.85
N ASN A 709 9.25 -10.23 -39.05
CA ASN A 709 8.81 -11.19 -40.05
C ASN A 709 7.76 -12.11 -39.42
N PRO A 710 6.55 -11.61 -39.18
CA PRO A 710 5.61 -12.35 -38.35
C PRO A 710 4.99 -13.56 -39.02
N ILE A 711 5.01 -13.62 -40.36
CA ILE A 711 4.35 -14.73 -41.05
C ILE A 711 4.98 -16.06 -40.69
N VAL A 712 6.26 -16.06 -40.28
CA VAL A 712 6.90 -17.26 -39.77
C VAL A 712 7.16 -17.19 -38.27
N SER A 713 7.44 -16.00 -37.73
CA SER A 713 7.73 -15.90 -36.30
C SER A 713 6.50 -16.21 -35.45
N ALA A 714 5.32 -15.72 -35.86
CA ALA A 714 4.10 -16.01 -35.12
C ALA A 714 3.78 -17.49 -35.17
N GLN A 715 3.95 -18.12 -36.33
CA GLN A 715 3.69 -19.56 -36.45
C GLN A 715 4.64 -20.36 -35.57
N ASN A 716 5.93 -20.01 -35.58
CA ASN A 716 6.90 -20.74 -34.77
C ASN A 716 6.64 -20.51 -33.28
N LEU A 717 6.26 -19.29 -32.90
CA LEU A 717 5.92 -19.02 -31.50
C LEU A 717 4.70 -19.81 -31.08
N LEU A 718 3.70 -19.92 -31.95
CA LEU A 718 2.52 -20.73 -31.65
C LEU A 718 2.88 -22.19 -31.49
N LYS A 719 3.76 -22.71 -32.36
CA LYS A 719 4.21 -24.09 -32.23
C LYS A 719 4.95 -24.30 -30.92
N LEU A 720 5.80 -23.35 -30.53
CA LEU A 720 6.51 -23.46 -29.27
C LEU A 720 5.56 -23.42 -28.08
N ILE A 721 4.55 -22.56 -28.14
CA ILE A 721 3.59 -22.47 -27.05
C ILE A 721 2.75 -23.74 -26.97
N SER A 722 2.42 -24.33 -28.12
CA SER A 722 1.72 -25.62 -28.13
C SER A 722 2.58 -26.71 -27.52
N ASN A 723 3.86 -26.73 -27.84
CA ASN A 723 4.77 -27.71 -27.24
C ASN A 723 4.85 -27.52 -25.72
N PHE A 724 4.91 -26.26 -25.27
CA PHE A 724 4.92 -25.99 -23.84
C PHE A 724 3.61 -26.42 -23.20
N SER A 725 2.49 -26.22 -23.89
CA SER A 725 1.18 -26.61 -23.36
C SER A 725 1.08 -28.13 -23.23
N LYS A 726 1.65 -28.86 -24.17
CA LYS A 726 1.56 -30.33 -24.15
C LYS A 726 2.26 -30.92 -22.93
N VAL A 727 3.16 -30.17 -22.30
CA VAL A 727 3.94 -30.68 -21.19
C VAL A 727 3.59 -30.00 -19.86
N SER A 728 3.22 -28.72 -19.86
CA SER A 728 2.99 -27.99 -18.62
C SER A 728 1.55 -27.58 -18.40
N GLY A 729 0.66 -27.79 -19.37
CA GLY A 729 -0.72 -27.37 -19.23
C GLY A 729 -0.95 -25.89 -19.43
N TYR A 730 0.07 -25.12 -19.79
CA TYR A 730 -0.09 -23.71 -20.05
C TYR A 730 -1.10 -23.50 -21.19
N LYS A 731 -2.10 -22.67 -20.93
CA LYS A 731 -3.16 -22.41 -21.91
C LYS A 731 -3.23 -20.93 -22.19
N ILE A 732 -3.40 -20.58 -23.46
CA ILE A 732 -3.52 -19.18 -23.87
C ILE A 732 -4.97 -18.76 -23.74
N ASN A 733 -5.20 -17.67 -23.03
CA ASN A 733 -6.54 -17.08 -22.91
C ASN A 733 -6.86 -16.35 -24.21
N VAL A 734 -7.48 -17.06 -25.16
CA VAL A 734 -7.75 -16.50 -26.47
C VAL A 734 -8.68 -15.30 -26.42
N GLN A 735 -9.61 -15.27 -25.47
CA GLN A 735 -10.57 -14.18 -25.38
C GLN A 735 -10.02 -12.94 -24.71
N LYS A 736 -8.75 -12.95 -24.30
CA LYS A 736 -8.14 -11.78 -23.70
C LYS A 736 -6.83 -11.42 -24.40
N SER A 737 -6.28 -12.36 -25.16
CA SER A 737 -5.03 -12.10 -25.87
C SER A 737 -5.30 -11.30 -27.14
N GLN A 738 -4.40 -10.33 -27.41
CA GLN A 738 -4.54 -9.43 -28.54
C GLN A 738 -3.17 -9.28 -29.21
N ALA A 739 -3.15 -8.60 -30.35
CA ALA A 739 -1.91 -8.42 -31.10
C ALA A 739 -1.99 -7.20 -32.00
N PHE A 740 -0.93 -6.39 -31.99
CA PHE A 740 -0.75 -5.33 -32.98
C PHE A 740 0.00 -5.90 -34.17
N LEU A 741 -0.60 -5.83 -35.35
CA LEU A 741 -0.02 -6.40 -36.55
C LEU A 741 0.31 -5.27 -37.51
N TYR A 742 1.61 -4.94 -37.62
CA TYR A 742 2.08 -3.90 -38.52
C TYR A 742 2.56 -4.56 -39.81
N THR A 743 1.79 -4.38 -40.88
CA THR A 743 2.14 -4.95 -42.17
C THR A 743 1.77 -3.98 -43.28
N ASN A 744 2.63 -3.88 -44.29
CA ASN A 744 2.38 -3.04 -45.45
C ASN A 744 1.86 -3.81 -46.65
N ASN A 745 1.54 -5.09 -46.47
CA ASN A 745 0.99 -5.94 -47.52
C ASN A 745 -0.33 -6.53 -47.06
N ARG A 746 -1.39 -6.30 -47.83
CA ARG A 746 -2.71 -6.74 -47.43
C ARG A 746 -2.84 -8.25 -47.46
N GLN A 747 -2.24 -8.91 -48.44
CA GLN A 747 -2.33 -10.36 -48.54
C GLN A 747 -1.64 -11.03 -47.35
N THR A 748 -0.43 -10.57 -47.01
CA THR A 748 0.27 -11.13 -45.86
C THR A 748 -0.50 -10.88 -44.57
N GLU A 749 -1.05 -9.67 -44.42
CA GLU A 749 -1.86 -9.37 -43.24
C GLU A 749 -3.05 -10.31 -43.14
N SER A 750 -3.81 -10.45 -44.21
CA SER A 750 -4.99 -11.30 -44.19
C SER A 750 -4.63 -12.75 -43.91
N GLN A 751 -3.51 -13.22 -44.46
CA GLN A 751 -3.03 -14.56 -44.11
C GLN A 751 -2.72 -14.67 -42.63
N ILE A 752 -2.13 -13.62 -42.05
CA ILE A 752 -1.78 -13.66 -40.63
C ILE A 752 -3.04 -13.75 -39.76
N MET A 753 -4.04 -12.92 -40.04
CA MET A 753 -5.29 -13.09 -39.29
C MET A 753 -5.97 -14.42 -39.60
N GLY A 754 -5.73 -14.98 -40.78
CA GLY A 754 -6.31 -16.27 -41.09
C GLY A 754 -5.73 -17.39 -40.23
N GLU A 755 -4.41 -17.37 -40.02
CA GLU A 755 -3.76 -18.43 -39.27
C GLU A 755 -3.68 -18.15 -37.78
N LEU A 756 -3.59 -16.88 -37.38
CA LEU A 756 -3.41 -16.53 -35.97
C LEU A 756 -4.75 -16.54 -35.25
N PRO A 757 -4.84 -17.14 -34.06
CA PRO A 757 -6.09 -17.08 -33.30
C PRO A 757 -6.28 -15.78 -32.53
N PHE A 758 -5.21 -15.03 -32.27
CA PHE A 758 -5.30 -13.78 -31.56
C PHE A 758 -6.10 -12.77 -32.38
N THR A 759 -6.97 -12.03 -31.70
CA THR A 759 -7.71 -10.96 -32.37
C THR A 759 -6.81 -9.74 -32.50
N ILE A 760 -6.68 -9.25 -33.72
CA ILE A 760 -5.75 -8.16 -34.01
C ILE A 760 -6.37 -6.84 -33.55
N ALA A 761 -5.79 -6.26 -32.50
CA ALA A 761 -6.23 -4.96 -32.02
C ALA A 761 -5.80 -3.88 -33.00
N SER A 762 -6.74 -3.02 -33.36
CA SER A 762 -6.48 -1.98 -34.35
C SER A 762 -6.11 -0.65 -33.73
N LYS A 763 -6.55 -0.38 -32.50
CA LYS A 763 -6.32 0.90 -31.86
C LYS A 763 -5.53 0.82 -30.56
N ARG A 764 -5.84 -0.14 -29.69
CA ARG A 764 -5.26 -0.13 -28.35
C ARG A 764 -5.27 -1.54 -27.77
N ILE A 765 -4.39 -1.75 -26.80
CA ILE A 765 -4.31 -3.00 -26.04
C ILE A 765 -4.17 -2.65 -24.56
N LYS A 766 -5.07 -3.17 -23.74
CA LYS A 766 -4.99 -2.96 -22.29
C LYS A 766 -3.92 -3.90 -21.73
N TYR A 767 -2.81 -3.32 -21.27
CA TYR A 767 -1.68 -4.08 -20.75
C TYR A 767 -1.24 -3.46 -19.43
N LEU A 768 -1.45 -4.19 -18.34
CA LEU A 768 -1.13 -3.71 -16.99
C LEU A 768 -1.83 -2.39 -16.70
N GLY A 769 -3.11 -2.33 -17.02
CA GLY A 769 -3.88 -1.11 -16.81
C GLY A 769 -3.47 0.05 -17.69
N ILE A 770 -2.68 -0.19 -18.73
CA ILE A 770 -2.14 0.84 -19.59
C ILE A 770 -2.57 0.54 -21.02
N GLN A 771 -3.17 1.51 -21.68
CA GLN A 771 -3.67 1.34 -23.05
C GLN A 771 -2.51 1.54 -24.02
N LEU A 772 -1.75 0.48 -24.26
CA LEU A 772 -0.71 0.52 -25.27
C LEU A 772 -1.35 0.81 -26.63
N THR A 773 -0.79 1.77 -27.34
CA THR A 773 -1.38 2.25 -28.58
C THR A 773 -0.63 1.71 -29.79
N ARG A 774 -1.39 1.41 -30.85
CA ARG A 774 -0.76 0.95 -32.08
C ARG A 774 0.17 2.02 -32.66
N ASP A 775 -0.27 3.27 -32.69
CA ASP A 775 0.57 4.40 -33.05
C ASP A 775 0.91 5.16 -31.78
N VAL A 776 2.20 5.35 -31.54
CA VAL A 776 2.66 5.81 -30.23
C VAL A 776 2.30 7.26 -29.97
N LYS A 777 1.88 8.01 -31.00
CA LYS A 777 1.49 9.40 -30.77
C LYS A 777 0.15 9.51 -30.07
N ASP A 778 -0.61 8.41 -29.98
CA ASP A 778 -1.93 8.43 -29.38
C ASP A 778 -1.91 8.11 -27.89
N LEU A 779 -0.72 8.08 -27.28
CA LEU A 779 -0.60 7.65 -25.89
C LEU A 779 -1.36 8.58 -24.95
N PHE A 780 -1.25 9.89 -25.14
CA PHE A 780 -1.95 10.83 -24.28
C PHE A 780 -3.46 10.70 -24.45
N LYS A 781 -3.93 10.61 -25.69
CA LYS A 781 -5.37 10.59 -25.92
C LYS A 781 -6.00 9.28 -25.47
N GLU A 782 -5.25 8.19 -25.45
CA GLU A 782 -5.80 6.91 -25.02
C GLU A 782 -5.37 6.51 -23.61
N ASN A 783 -4.61 7.34 -22.92
CA ASN A 783 -4.21 6.99 -21.56
C ASN A 783 -4.51 8.07 -20.53
N TYR A 784 -4.35 9.35 -20.89
CA TYR A 784 -4.50 10.42 -19.92
C TYR A 784 -5.84 11.14 -20.04
N LYS A 785 -6.36 11.30 -21.25
CA LYS A 785 -7.73 11.77 -21.39
C LYS A 785 -8.74 10.80 -20.76
N PRO A 786 -8.64 9.48 -20.97
CA PRO A 786 -9.48 8.57 -20.17
C PRO A 786 -9.24 8.71 -18.67
N LEU A 787 -8.00 8.99 -18.24
CA LEU A 787 -7.75 9.17 -16.82
C LEU A 787 -8.49 10.38 -16.27
N LEU A 788 -8.47 11.50 -17.00
CA LEU A 788 -9.22 12.67 -16.57
C LEU A 788 -10.72 12.39 -16.57
N LYS A 789 -11.21 11.67 -17.59
CA LYS A 789 -12.63 11.33 -17.63
C LYS A 789 -13.03 10.47 -16.45
N GLU A 790 -12.19 9.48 -16.11
CA GLU A 790 -12.45 8.61 -14.96
C GLU A 790 -12.44 9.40 -13.65
N ILE A 791 -11.48 10.31 -13.49
CA ILE A 791 -11.41 11.08 -12.26
C ILE A 791 -12.61 12.01 -12.14
N LYS A 792 -13.06 12.59 -13.27
CA LYS A 792 -14.26 13.42 -13.24
C LYS A 792 -15.49 12.60 -12.87
N GLU A 793 -15.61 11.38 -13.43
CA GLU A 793 -16.73 10.53 -13.07
C GLU A 793 -16.69 10.18 -11.58
N GLU A 794 -15.51 9.90 -11.05
CA GLU A 794 -15.40 9.55 -9.63
C GLU A 794 -15.75 10.74 -8.75
N THR A 795 -15.32 11.94 -9.13
CA THR A 795 -15.72 13.14 -8.41
C THR A 795 -17.23 13.35 -8.46
N ASN A 796 -17.83 13.13 -9.63
CA ASN A 796 -19.27 13.27 -9.76
C ASN A 796 -20.02 12.24 -8.92
N LYS A 797 -19.42 11.05 -8.76
CA LYS A 797 -20.06 10.03 -7.94
C LYS A 797 -19.90 10.32 -6.46
N TRP A 798 -18.79 10.96 -6.08
CA TRP A 798 -18.52 11.28 -4.68
C TRP A 798 -18.95 12.70 -4.29
N LYS A 799 -19.60 13.44 -5.17
CA LYS A 799 -19.99 14.81 -4.85
C LYS A 799 -20.81 14.89 -3.56
N ASN A 800 -21.76 13.97 -3.39
CA ASN A 800 -22.64 13.98 -2.23
C ASN A 800 -22.14 13.10 -1.10
N ILE A 801 -20.82 12.93 -1.00
CA ILE A 801 -20.24 12.03 -0.01
C ILE A 801 -20.34 12.69 1.37
N PRO A 802 -20.58 11.93 2.45
CA PRO A 802 -20.65 12.56 3.78
C PRO A 802 -19.29 12.63 4.47
N CYS A 803 -18.41 13.48 3.94
CA CYS A 803 -17.12 13.73 4.55
C CYS A 803 -16.70 15.16 4.24
N SER A 804 -15.84 15.70 5.09
CA SER A 804 -15.46 17.10 5.03
C SER A 804 -14.34 17.31 4.02
N TRP A 805 -13.76 18.51 4.04
CA TRP A 805 -12.70 18.85 3.09
C TRP A 805 -11.42 18.08 3.40
N VAL A 806 -11.12 17.86 4.68
CA VAL A 806 -9.97 17.03 5.05
C VAL A 806 -10.20 15.60 4.58
N GLY A 807 -11.41 15.08 4.78
CA GLY A 807 -11.75 13.76 4.30
C GLY A 807 -11.61 13.65 2.79
N ARG A 808 -12.01 14.68 2.07
CA ARG A 808 -11.91 14.64 0.60
C ARG A 808 -10.46 14.75 0.14
N ILE A 809 -9.64 15.52 0.85
CA ILE A 809 -8.21 15.57 0.55
C ILE A 809 -7.59 14.19 0.73
N ASN A 810 -7.92 13.53 1.85
CA ASN A 810 -7.38 12.19 2.07
C ASN A 810 -7.95 11.19 1.08
N ILE A 811 -9.19 11.39 0.62
CA ILE A 811 -9.77 10.54 -0.41
C ILE A 811 -8.98 10.69 -1.71
N VAL A 812 -8.65 11.92 -2.09
CA VAL A 812 -7.85 12.15 -3.29
C VAL A 812 -6.49 11.49 -3.15
N LYS A 813 -5.88 11.59 -1.97
CA LYS A 813 -4.60 10.93 -1.74
C LYS A 813 -4.73 9.41 -1.84
N MET A 814 -5.80 8.86 -1.28
CA MET A 814 -5.94 7.40 -1.15
C MET A 814 -6.31 6.73 -2.46
N ALA A 815 -7.21 7.34 -3.24
CA ALA A 815 -7.77 6.69 -4.42
C ALA A 815 -7.32 7.31 -5.73
N ILE A 816 -7.46 8.63 -5.90
CA ILE A 816 -7.11 9.25 -7.17
C ILE A 816 -5.61 9.28 -7.37
N LEU A 817 -4.86 9.59 -6.31
CA LEU A 817 -3.42 9.79 -6.45
C LEU A 817 -2.67 8.54 -6.89
N PRO A 818 -2.92 7.34 -6.34
CA PRO A 818 -2.19 6.16 -6.84
C PRO A 818 -2.39 5.90 -8.32
N LYS A 819 -3.61 6.12 -8.82
CA LYS A 819 -3.88 5.90 -10.24
C LYS A 819 -3.08 6.88 -11.09
N VAL A 820 -3.05 8.15 -10.69
CA VAL A 820 -2.30 9.16 -11.42
C VAL A 820 -0.81 8.84 -11.39
N ILE A 821 -0.30 8.41 -10.22
CA ILE A 821 1.12 8.08 -10.10
C ILE A 821 1.46 6.88 -10.97
N TYR A 822 0.59 5.87 -11.01
CA TYR A 822 0.83 4.71 -11.86
C TYR A 822 0.85 5.11 -13.33
N ARG A 823 -0.09 5.98 -13.74
CA ARG A 823 -0.09 6.46 -15.12
C ARG A 823 1.19 7.22 -15.43
N PHE A 824 1.64 8.05 -14.50
CA PHE A 824 2.88 8.81 -14.71
C PHE A 824 4.09 7.89 -14.82
N ASN A 825 4.18 6.88 -13.96
CA ASN A 825 5.30 5.95 -14.00
C ASN A 825 5.30 5.16 -15.29
N ALA A 826 4.13 4.67 -15.71
CA ALA A 826 4.08 3.84 -16.91
C ALA A 826 4.43 4.64 -18.16
N ILE A 827 3.85 5.82 -18.31
CA ILE A 827 4.06 6.64 -19.51
C ILE A 827 4.42 8.06 -19.10
N PRO A 828 5.66 8.35 -18.72
CA PRO A 828 6.03 9.75 -18.40
C PRO A 828 6.34 10.55 -19.66
N ILE A 829 5.32 10.73 -20.50
CA ILE A 829 5.44 11.54 -21.70
C ILE A 829 5.14 12.99 -21.33
N LYS A 830 5.63 13.91 -22.15
CA LYS A 830 5.40 15.33 -21.93
C LYS A 830 3.92 15.64 -21.98
N LEU A 831 3.34 15.98 -20.82
CA LEU A 831 1.93 16.26 -20.73
C LEU A 831 1.66 17.75 -20.86
N PRO A 832 0.61 18.14 -21.59
CA PRO A 832 0.25 19.56 -21.68
C PRO A 832 -0.22 20.08 -20.33
N MET A 833 -0.03 21.39 -20.14
CA MET A 833 -0.50 22.03 -18.92
C MET A 833 -2.01 21.98 -18.79
N THR A 834 -2.73 21.77 -19.89
CA THR A 834 -4.18 21.64 -19.82
C THR A 834 -4.58 20.42 -18.97
N PHE A 835 -3.84 19.32 -19.12
CA PHE A 835 -4.11 18.13 -18.32
C PHE A 835 -4.01 18.44 -16.83
N PHE A 836 -2.95 19.16 -16.44
CA PHE A 836 -2.73 19.42 -15.02
C PHE A 836 -3.72 20.43 -14.49
N THR A 837 -4.06 21.45 -15.28
CA THR A 837 -5.08 22.40 -14.84
C THR A 837 -6.42 21.72 -14.68
N GLU A 838 -6.79 20.84 -15.61
CA GLU A 838 -8.07 20.13 -15.49
C GLU A 838 -8.08 19.20 -14.29
N LEU A 839 -6.99 18.47 -14.06
CA LEU A 839 -6.91 17.56 -12.92
C LEU A 839 -6.98 18.33 -11.60
N GLU A 840 -6.25 19.44 -11.51
CA GLU A 840 -6.27 20.24 -10.29
C GLU A 840 -7.65 20.85 -10.06
N LYS A 841 -8.30 21.33 -11.13
CA LYS A 841 -9.63 21.89 -10.99
C LYS A 841 -10.63 20.83 -10.52
N THR A 842 -10.57 19.63 -11.10
CA THR A 842 -11.47 18.56 -10.68
C THR A 842 -11.24 18.20 -9.22
N THR A 843 -9.97 18.04 -8.83
CA THR A 843 -9.65 17.67 -7.46
C THR A 843 -10.10 18.75 -6.47
N LEU A 844 -9.88 20.02 -6.81
CA LEU A 844 -10.24 21.11 -5.90
C LEU A 844 -11.75 21.30 -5.82
N LYS A 845 -12.46 21.10 -6.93
CA LYS A 845 -13.91 21.12 -6.90
C LYS A 845 -14.45 19.98 -6.03
N PHE A 846 -13.84 18.80 -6.14
CA PHE A 846 -14.26 17.70 -5.28
C PHE A 846 -14.01 18.01 -3.80
N ILE A 847 -12.85 18.60 -3.50
CA ILE A 847 -12.47 18.80 -2.10
C ILE A 847 -13.39 19.80 -1.42
N TRP A 848 -13.76 20.87 -2.12
CA TRP A 848 -14.53 21.96 -1.54
C TRP A 848 -16.02 21.88 -1.86
N ASN A 849 -16.51 20.73 -2.28
CA ASN A 849 -17.95 20.52 -2.55
C ASN A 849 -18.46 21.54 -3.57
N GLN A 850 -17.69 21.73 -4.65
CA GLN A 850 -18.03 22.64 -5.74
C GLN A 850 -18.21 24.08 -5.26
N LYS A 851 -17.63 24.41 -4.11
CA LYS A 851 -17.72 25.75 -3.54
C LYS A 851 -16.36 26.42 -3.57
N ARG A 852 -16.32 27.68 -3.13
CA ARG A 852 -15.08 28.41 -3.06
C ARG A 852 -14.17 27.81 -1.98
N ALA A 853 -12.87 27.82 -2.27
CA ALA A 853 -11.90 27.24 -1.35
C ALA A 853 -11.77 28.11 -0.11
N ARG A 854 -12.03 27.53 1.06
CA ARG A 854 -11.94 28.27 2.30
C ARG A 854 -10.49 28.52 2.71
N ILE A 855 -9.60 27.58 2.39
CA ILE A 855 -8.18 27.70 2.67
C ILE A 855 -7.43 27.62 1.35
N ALA A 856 -6.52 28.55 1.12
CA ALA A 856 -5.87 28.67 -0.18
C ALA A 856 -5.11 27.40 -0.54
N LYS A 857 -5.21 27.01 -1.81
CA LYS A 857 -4.51 25.82 -2.28
C LYS A 857 -3.00 25.99 -2.20
N SER A 858 -2.51 27.24 -2.25
CA SER A 858 -1.08 27.48 -2.08
C SER A 858 -0.66 27.24 -0.64
N ILE A 859 -1.55 27.52 0.31
CA ILE A 859 -1.24 27.28 1.71
C ILE A 859 -1.18 25.78 1.99
N LEU A 860 -2.16 25.02 1.49
CA LEU A 860 -2.17 23.58 1.71
C LEU A 860 -1.08 22.86 0.93
N SER A 861 -0.68 23.39 -0.23
CA SER A 861 0.36 22.74 -1.02
C SER A 861 1.71 22.76 -0.33
N GLN A 862 1.89 23.61 0.69
CA GLN A 862 3.12 23.64 1.47
C GLN A 862 3.21 22.37 2.31
N LYS A 863 4.27 22.26 3.09
CA LYS A 863 4.44 21.10 3.96
C LYS A 863 3.35 21.08 5.03
N ASN A 864 3.39 20.04 5.86
CA ASN A 864 2.43 19.93 6.96
C ASN A 864 2.66 20.98 8.03
N LYS A 865 3.78 21.71 7.98
CA LYS A 865 4.05 22.73 8.99
C LYS A 865 3.06 23.88 8.89
N ALA A 866 2.87 24.44 7.69
CA ALA A 866 1.90 25.50 7.49
C ALA A 866 0.47 25.03 7.65
N GLY A 867 0.20 23.77 7.33
CA GLY A 867 -1.11 23.17 7.46
C GLY A 867 -1.17 22.14 8.56
N GLY A 868 -0.99 20.88 8.18
CA GLY A 868 -1.10 19.76 9.10
C GLY A 868 -1.70 18.57 8.39
N ILE A 869 -2.28 18.82 7.22
CA ILE A 869 -2.83 17.78 6.36
C ILE A 869 -2.35 17.89 4.93
N THR A 870 -1.68 18.98 4.56
CA THR A 870 -1.10 19.27 3.24
C THR A 870 -2.10 18.97 2.12
N LEU A 871 -1.62 18.79 0.89
CA LEU A 871 -2.48 18.65 -0.28
C LEU A 871 -1.66 18.10 -1.44
N PRO A 872 -2.21 17.16 -2.22
CA PRO A 872 -1.44 16.61 -3.35
C PRO A 872 -1.08 17.68 -4.37
N ASP A 873 0.13 17.57 -4.90
CA ASP A 873 0.62 18.45 -5.97
C ASP A 873 0.89 17.55 -7.17
N PHE A 874 -0.05 17.51 -8.11
CA PHE A 874 0.05 16.57 -9.22
C PHE A 874 1.17 16.95 -10.19
N LYS A 875 1.43 18.24 -10.38
CA LYS A 875 2.56 18.64 -11.21
C LYS A 875 3.88 18.22 -10.57
N LEU A 876 4.00 18.39 -9.25
CA LEU A 876 5.22 17.98 -8.56
C LEU A 876 5.37 16.47 -8.55
N TYR A 877 4.26 15.74 -8.41
CA TYR A 877 4.32 14.29 -8.52
C TYR A 877 4.74 13.86 -9.92
N TYR A 878 4.23 14.54 -10.94
CA TYR A 878 4.61 14.23 -12.32
C TYR A 878 6.09 14.47 -12.54
N LYS A 879 6.61 15.59 -12.02
CA LYS A 879 8.04 15.84 -12.08
C LYS A 879 8.82 14.75 -11.35
N ALA A 880 8.30 14.30 -10.20
CA ALA A 880 8.99 13.25 -9.44
C ALA A 880 9.09 11.96 -10.25
N THR A 881 7.98 11.53 -10.84
CA THR A 881 8.02 10.28 -11.61
C THR A 881 8.85 10.43 -12.87
N VAL A 882 8.84 11.60 -13.50
CA VAL A 882 9.59 11.75 -14.74
C VAL A 882 11.07 11.90 -14.48
N THR A 883 11.45 12.42 -13.31
CA THR A 883 12.85 12.54 -12.93
C THR A 883 13.38 11.30 -12.21
N LYS A 884 12.50 10.39 -11.78
CA LYS A 884 12.95 9.13 -11.20
C LYS A 884 13.81 8.34 -12.17
N THR A 885 13.58 8.50 -13.48
CA THR A 885 14.39 7.83 -14.49
C THR A 885 15.85 8.23 -14.41
N ALA A 886 16.15 9.40 -13.83
CA ALA A 886 17.54 9.81 -13.65
C ALA A 886 18.29 8.84 -12.74
N TRP A 887 17.61 8.30 -11.74
CA TRP A 887 18.24 7.30 -10.87
C TRP A 887 18.67 6.08 -11.67
N TYR A 888 17.79 5.59 -12.56
CA TYR A 888 18.14 4.43 -13.38
C TYR A 888 19.21 4.77 -14.40
N TRP A 889 19.26 6.01 -14.87
CA TRP A 889 20.37 6.44 -15.72
C TRP A 889 21.69 6.34 -14.96
N TYR A 890 21.74 6.93 -13.77
CA TYR A 890 22.99 6.96 -13.01
C TYR A 890 23.43 5.56 -12.61
N GLN A 891 22.48 4.71 -12.19
CA GLN A 891 22.85 3.37 -11.75
C GLN A 891 23.45 2.56 -12.88
N ASN A 892 22.88 2.67 -14.08
CA ASN A 892 23.37 1.98 -15.28
C ASN A 892 23.45 0.47 -15.05
N ARG A 893 22.27 -0.10 -14.80
CA ARG A 893 22.14 -1.52 -14.52
C ARG A 893 21.91 -2.30 -15.81
N ASP A 894 22.34 -3.57 -15.80
CA ASP A 894 22.17 -4.41 -16.97
C ASP A 894 20.74 -4.91 -17.13
N ILE A 895 19.93 -4.84 -16.07
CA ILE A 895 18.55 -5.29 -16.15
C ILE A 895 17.61 -4.22 -16.70
N ASP A 896 18.08 -2.99 -16.86
CA ASP A 896 17.25 -1.90 -17.35
C ASP A 896 17.29 -1.86 -18.88
N GLN A 897 16.67 -2.88 -19.48
CA GLN A 897 16.55 -2.93 -20.93
C GLN A 897 15.65 -1.81 -21.44
N TRP A 898 14.66 -1.40 -20.65
CA TRP A 898 13.75 -0.34 -21.07
C TRP A 898 14.47 0.98 -21.30
N ASN A 899 15.64 1.17 -20.68
CA ASN A 899 16.48 2.31 -20.98
C ASN A 899 17.04 2.28 -22.39
N ARG A 900 17.53 1.13 -22.84
CA ARG A 900 18.30 1.01 -24.07
C ARG A 900 17.44 0.86 -25.32
N THR A 901 16.14 0.59 -25.17
CA THR A 901 15.24 0.44 -26.31
C THR A 901 14.68 1.77 -26.81
N GLU A 902 15.01 2.87 -26.17
CA GLU A 902 14.59 4.18 -26.66
C GLU A 902 15.24 4.45 -28.01
N PRO A 903 14.48 4.81 -29.04
CA PRO A 903 15.10 5.01 -30.36
C PRO A 903 16.09 6.16 -30.35
N SER A 904 17.20 5.96 -31.05
CA SER A 904 18.27 6.95 -31.10
C SER A 904 19.13 6.69 -32.32
N GLU A 905 19.62 7.78 -32.91
CA GLU A 905 20.53 7.71 -34.05
C GLU A 905 21.89 8.33 -33.79
N ILE A 906 22.02 9.19 -32.79
CA ILE A 906 23.28 9.86 -32.47
C ILE A 906 23.67 9.49 -31.04
N MET A 907 24.86 8.91 -30.88
CA MET A 907 25.37 8.44 -29.59
C MET A 907 24.34 7.54 -28.91
N PRO A 908 24.16 6.31 -29.38
CA PRO A 908 23.12 5.44 -28.79
C PRO A 908 23.33 5.18 -27.31
N HIS A 909 24.56 5.07 -26.84
CA HIS A 909 24.87 4.86 -25.44
C HIS A 909 25.17 6.22 -24.82
N ILE A 910 24.11 6.97 -24.50
CA ILE A 910 24.25 8.32 -23.96
C ILE A 910 23.57 8.50 -22.62
N TYR A 911 22.54 7.71 -22.30
CA TYR A 911 21.76 7.97 -21.09
C TYR A 911 22.56 7.69 -19.83
N ASN A 912 23.49 6.72 -19.91
CA ASN A 912 24.39 6.45 -18.80
C ASN A 912 25.49 7.50 -18.66
N TYR A 913 25.62 8.41 -19.63
CA TYR A 913 26.66 9.43 -19.62
C TYR A 913 26.09 10.84 -19.57
N LEU A 914 24.96 11.02 -18.90
CA LEU A 914 24.28 12.32 -18.84
C LEU A 914 24.28 12.95 -17.45
N ILE A 915 24.28 12.13 -16.40
CA ILE A 915 24.05 12.61 -15.04
C ILE A 915 25.37 12.63 -14.29
N PHE A 916 25.67 13.76 -13.67
CA PHE A 916 26.96 13.99 -13.00
C PHE A 916 28.10 13.68 -13.97
N ASP A 917 27.92 14.13 -15.22
CA ASP A 917 28.87 13.84 -16.28
C ASP A 917 28.94 15.07 -17.18
N LYS A 918 30.03 15.15 -17.95
CA LYS A 918 30.30 16.32 -18.76
C LYS A 918 29.16 16.58 -19.74
N PRO A 919 28.75 17.82 -19.93
CA PRO A 919 27.67 18.13 -20.88
C PRO A 919 28.10 17.87 -22.31
N GLU A 920 27.11 17.60 -23.15
CA GLU A 920 27.36 17.39 -24.56
C GLU A 920 27.77 18.71 -25.22
N LYS A 921 28.42 18.58 -26.38
CA LYS A 921 28.87 19.76 -27.14
C LYS A 921 27.73 20.31 -27.99
N ASN A 922 26.63 20.65 -27.31
CA ASN A 922 25.38 21.07 -27.95
C ASN A 922 24.90 20.02 -28.94
N LYS A 923 25.07 18.75 -28.57
CA LYS A 923 24.64 17.66 -29.43
C LYS A 923 23.13 17.61 -29.51
N GLN A 924 22.62 17.43 -30.73
CA GLN A 924 21.18 17.39 -30.96
C GLN A 924 20.68 15.95 -30.91
N TRP A 925 21.05 15.28 -29.82
CA TRP A 925 20.59 13.92 -29.55
C TRP A 925 19.12 13.92 -29.15
N GLY A 926 18.47 12.77 -29.36
CA GLY A 926 17.11 12.60 -28.93
C GLY A 926 16.08 13.49 -29.60
N LYS A 927 15.97 13.44 -30.93
CA LYS A 927 14.87 14.13 -31.59
C LYS A 927 13.52 13.66 -31.09
N ASP A 928 13.23 12.37 -31.19
CA ASP A 928 11.90 11.83 -31.03
C ASP A 928 11.76 10.88 -29.85
N SER A 929 12.72 10.83 -28.93
CA SER A 929 12.54 10.00 -27.75
C SER A 929 11.38 10.52 -26.92
N LEU A 930 10.67 9.61 -26.27
CA LEU A 930 9.44 9.95 -25.57
C LEU A 930 9.61 10.21 -24.09
N PHE A 931 10.36 9.36 -23.39
CA PHE A 931 10.50 9.46 -21.94
C PHE A 931 11.82 10.07 -21.49
N ASN A 932 12.92 9.70 -22.14
CA ASN A 932 14.23 10.06 -21.62
C ASN A 932 14.58 11.52 -21.89
N LYS A 933 14.19 12.06 -23.05
CA LYS A 933 14.51 13.46 -23.33
C LYS A 933 13.78 14.39 -22.36
N TRP A 934 12.51 14.12 -22.09
CA TRP A 934 11.77 14.93 -21.13
C TRP A 934 12.34 14.76 -19.72
N CYS A 935 12.75 13.54 -19.37
CA CYS A 935 13.38 13.32 -18.07
C CYS A 935 14.66 14.13 -17.94
N TRP A 936 15.49 14.14 -18.98
CA TRP A 936 16.72 14.92 -18.94
C TRP A 936 16.43 16.41 -18.84
N GLU A 937 15.44 16.89 -19.61
CA GLU A 937 15.10 18.30 -19.56
C GLU A 937 14.61 18.71 -18.18
N ASN A 938 13.78 17.89 -17.55
CA ASN A 938 13.28 18.22 -16.23
C ASN A 938 14.37 18.10 -15.17
N TRP A 939 15.25 17.12 -15.28
CA TRP A 939 16.39 17.03 -14.36
C TRP A 939 17.27 18.27 -14.47
N LEU A 940 17.55 18.70 -15.70
CA LEU A 940 18.36 19.90 -15.90
C LEU A 940 17.66 21.14 -15.37
N ALA A 941 16.34 21.22 -15.57
CA ALA A 941 15.60 22.37 -15.06
C ALA A 941 15.63 22.42 -13.54
N ILE A 942 15.48 21.26 -12.88
CA ILE A 942 15.53 21.23 -11.42
C ILE A 942 16.93 21.59 -10.94
N CYS A 943 17.97 21.08 -11.60
CA CYS A 943 19.33 21.42 -11.22
C CYS A 943 19.62 22.91 -11.40
N ARG A 944 19.07 23.51 -12.45
CA ARG A 944 19.18 24.95 -12.63
C ARG A 944 18.45 25.69 -11.52
N LYS A 945 17.28 25.18 -11.12
CA LYS A 945 16.53 25.81 -10.04
C LYS A 945 17.32 25.78 -8.74
N LEU A 946 18.04 24.69 -8.49
CA LEU A 946 18.89 24.58 -7.32
C LEU A 946 20.19 25.37 -7.44
N LYS A 947 20.48 25.91 -8.62
CA LYS A 947 21.70 26.70 -8.86
C LYS A 947 22.95 25.90 -8.55
N LEU A 948 22.90 24.60 -8.84
CA LEU A 948 24.02 23.70 -8.62
C LEU A 948 24.55 23.20 -9.96
N ASP A 949 25.84 22.92 -10.01
CA ASP A 949 26.44 22.38 -11.23
C ASP A 949 26.20 20.88 -11.29
N PRO A 950 25.43 20.38 -12.26
CA PRO A 950 25.14 18.94 -12.34
C PRO A 950 26.07 18.14 -13.22
N PHE A 951 27.15 18.73 -13.71
CA PHE A 951 28.02 18.07 -14.68
C PHE A 951 29.28 17.50 -14.05
N LEU A 952 29.96 18.26 -13.19
CA LEU A 952 31.08 17.73 -12.42
C LEU A 952 30.66 17.77 -10.96
N THR A 953 30.37 16.60 -10.41
CA THR A 953 29.73 16.42 -9.12
C THR A 953 30.58 15.45 -8.31
N PRO A 954 30.55 15.55 -6.97
CA PRO A 954 31.22 14.54 -6.15
C PRO A 954 30.85 13.11 -6.50
N TYR A 955 29.74 12.89 -7.21
CA TYR A 955 29.26 11.57 -7.58
C TYR A 955 29.54 11.25 -9.05
N THR A 956 30.40 12.02 -9.70
CA THR A 956 30.78 11.74 -11.08
C THR A 956 31.51 10.40 -11.15
N LYS A 957 31.10 9.54 -12.07
CA LYS A 957 31.68 8.21 -12.16
C LYS A 957 33.09 8.26 -12.74
N ILE A 958 33.84 7.19 -12.50
CA ILE A 958 35.09 6.98 -13.22
C ILE A 958 34.81 6.67 -14.68
N ASN A 959 33.75 5.90 -14.94
CA ASN A 959 33.33 5.58 -16.30
C ASN A 959 32.78 6.79 -17.04
N SER A 960 32.51 7.89 -16.34
CA SER A 960 31.91 9.07 -16.95
C SER A 960 32.77 9.60 -18.09
N ARG A 961 32.15 10.43 -18.92
CA ARG A 961 32.84 11.02 -20.07
C ARG A 961 34.00 11.92 -19.67
N TRP A 962 34.00 12.43 -18.44
CA TRP A 962 35.12 13.27 -18.00
C TRP A 962 36.44 12.51 -18.08
N ILE A 963 36.45 11.27 -17.60
CA ILE A 963 37.65 10.45 -17.67
C ILE A 963 37.83 9.81 -19.05
N LYS A 964 36.73 9.46 -19.72
CA LYS A 964 36.83 8.83 -21.03
C LYS A 964 37.43 9.76 -22.06
N ASP A 965 37.09 11.05 -22.02
CA ASP A 965 37.60 12.01 -22.99
C ASP A 965 39.10 12.23 -22.87
N LEU A 966 39.71 11.82 -21.76
CA LEU A 966 41.17 11.83 -21.65
C LEU A 966 41.82 10.73 -22.47
N ASN A 967 41.03 9.94 -23.19
CA ASN A 967 41.54 8.84 -24.03
C ASN A 967 42.36 7.86 -23.20
N VAL A 968 41.94 7.64 -21.96
CA VAL A 968 42.58 6.65 -21.11
C VAL A 968 42.02 5.27 -21.44
N LYS A 969 42.86 4.25 -21.26
CA LYS A 969 42.44 2.89 -21.57
C LYS A 969 41.32 2.47 -20.63
N PRO A 970 40.31 1.75 -21.14
CA PRO A 970 39.22 1.28 -20.26
C PRO A 970 39.70 0.34 -19.16
N LYS A 971 40.86 -0.29 -19.33
CA LYS A 971 41.40 -1.12 -18.26
C LYS A 971 41.72 -0.29 -17.02
N THR A 972 42.13 0.97 -17.21
CA THR A 972 42.35 1.84 -16.06
C THR A 972 41.04 2.15 -15.35
N ILE A 973 39.96 2.37 -16.11
CA ILE A 973 38.66 2.58 -15.49
C ILE A 973 38.23 1.34 -14.70
N LYS A 974 38.44 0.16 -15.29
CA LYS A 974 38.11 -1.07 -14.59
C LYS A 974 38.92 -1.22 -13.31
N THR A 975 40.22 -0.91 -13.37
CA THR A 975 41.07 -1.02 -12.18
C THR A 975 40.63 -0.05 -11.09
N LEU A 976 40.32 1.19 -11.46
CA LEU A 976 39.88 2.16 -10.47
C LEU A 976 38.54 1.76 -9.87
N GLU A 977 37.63 1.21 -10.69
CA GLU A 977 36.34 0.78 -10.17
C GLU A 977 36.51 -0.41 -9.22
N GLU A 978 37.38 -1.35 -9.55
CA GLU A 978 37.56 -2.54 -8.73
C GLU A 978 38.30 -2.22 -7.43
N ASN A 979 39.28 -1.33 -7.48
CA ASN A 979 40.17 -1.10 -6.34
C ASN A 979 39.66 0.03 -5.44
N LEU A 980 39.46 1.22 -6.01
CA LEU A 980 39.17 2.41 -5.20
C LEU A 980 37.66 2.63 -5.05
N GLY A 981 36.95 2.80 -6.16
CA GLY A 981 35.52 3.03 -6.09
C GLY A 981 34.98 3.42 -7.45
N ILE A 982 33.71 3.82 -7.44
CA ILE A 982 33.00 4.14 -8.67
C ILE A 982 32.93 5.63 -8.95
N THR A 983 33.23 6.48 -7.99
CA THR A 983 33.15 7.93 -8.16
C THR A 983 34.54 8.55 -8.14
N ILE A 984 34.60 9.83 -8.53
CA ILE A 984 35.86 10.55 -8.57
C ILE A 984 36.40 10.77 -7.17
N GLN A 985 35.50 11.06 -6.22
CA GLN A 985 35.89 11.19 -4.82
C GLN A 985 36.59 9.95 -4.28
N ASP A 986 36.17 8.76 -4.72
CA ASP A 986 36.79 7.53 -4.23
C ASP A 986 38.28 7.47 -4.56
N ILE A 987 38.71 8.15 -5.63
CA ILE A 987 40.13 8.23 -5.96
C ILE A 987 40.74 9.57 -5.58
N GLY A 988 39.94 10.53 -5.16
CA GLY A 988 40.46 11.81 -4.70
C GLY A 988 40.89 12.71 -5.83
N VAL A 989 40.80 14.02 -5.58
CA VAL A 989 41.24 15.05 -6.50
C VAL A 989 42.00 16.11 -5.73
N GLY A 990 42.81 16.88 -6.47
CA GLY A 990 43.64 17.89 -5.82
C GLY A 990 44.78 17.21 -5.08
N LYS A 991 45.06 17.70 -3.86
CA LYS A 991 46.08 17.07 -3.03
C LYS A 991 45.66 15.70 -2.55
N ASP A 992 44.39 15.35 -2.70
CA ASP A 992 43.85 14.07 -2.26
C ASP A 992 43.91 13.00 -3.35
N PHE A 993 44.56 13.29 -4.47
CA PHE A 993 44.63 12.35 -5.58
C PHE A 993 45.42 11.12 -5.19
N MET A 994 44.72 10.00 -4.98
CA MET A 994 45.34 8.70 -4.70
C MET A 994 46.29 8.78 -3.51
N SER A 995 45.84 9.43 -2.43
CA SER A 995 46.68 9.58 -1.25
C SER A 995 45.96 9.33 0.07
N LYS A 996 44.62 9.29 0.10
CA LYS A 996 43.91 9.12 1.37
C LYS A 996 43.84 7.67 1.84
N THR A 997 44.15 6.70 0.97
CA THR A 997 44.03 5.31 1.31
C THR A 997 45.29 4.58 0.85
N PRO A 998 45.84 3.68 1.68
CA PRO A 998 47.02 2.92 1.24
C PRO A 998 46.74 2.04 0.02
N LYS A 999 45.48 1.71 -0.24
CA LYS A 999 45.16 0.93 -1.43
C LYS A 999 45.45 1.71 -2.71
N ALA A 1000 45.50 3.03 -2.62
CA ALA A 1000 45.81 3.83 -3.81
C ALA A 1000 47.22 3.58 -4.31
N MET A 1001 48.16 3.35 -3.40
CA MET A 1001 49.53 3.03 -3.79
C MET A 1001 49.58 1.75 -4.62
N ALA A 1002 48.85 0.72 -4.18
CA ALA A 1002 48.79 -0.53 -4.93
C ALA A 1002 48.04 -0.35 -6.25
N THR A 1003 46.97 0.46 -6.26
CA THR A 1003 46.24 0.68 -7.51
C THR A 1003 47.11 1.39 -8.55
N LYS A 1004 47.99 2.29 -8.10
CA LYS A 1004 48.84 3.02 -9.03
C LYS A 1004 49.74 2.08 -9.82
N ASP A 1005 50.24 1.01 -9.20
CA ASP A 1005 51.11 0.07 -9.89
C ASP A 1005 50.38 -0.71 -10.98
N LYS A 1006 49.05 -0.71 -10.99
CA LYS A 1006 48.26 -1.46 -11.96
C LYS A 1006 47.77 -0.60 -13.12
N ILE A 1007 48.18 0.66 -13.19
CA ILE A 1007 47.72 1.59 -14.22
C ILE A 1007 48.93 2.05 -15.03
N ASP A 1008 48.74 2.20 -16.34
CA ASP A 1008 49.79 2.71 -17.21
C ASP A 1008 50.19 4.11 -16.78
N LYS A 1009 51.50 4.40 -16.90
CA LYS A 1009 52.00 5.68 -16.41
C LYS A 1009 51.48 6.86 -17.23
N TRP A 1010 51.19 6.65 -18.51
CA TRP A 1010 50.60 7.72 -19.31
C TRP A 1010 49.21 8.09 -18.78
N ASP A 1011 48.37 7.07 -18.58
CA ASP A 1011 47.04 7.32 -18.04
C ASP A 1011 47.10 7.83 -16.62
N LEU A 1012 48.08 7.38 -15.84
CA LEU A 1012 48.27 7.92 -14.50
C LEU A 1012 48.61 9.42 -14.54
N ILE A 1013 49.50 9.81 -15.45
CA ILE A 1013 49.85 11.21 -15.61
C ILE A 1013 48.62 12.02 -16.00
N LYS A 1014 47.84 11.50 -16.97
CA LYS A 1014 46.68 12.25 -17.44
C LYS A 1014 45.60 12.35 -16.35
N LEU A 1015 45.39 11.27 -15.59
CA LEU A 1015 44.45 11.32 -14.47
C LEU A 1015 44.91 12.29 -13.41
N LYS A 1016 46.21 12.33 -13.12
CA LYS A 1016 46.72 13.31 -12.16
C LYS A 1016 46.50 14.73 -12.65
N SER A 1017 46.76 14.98 -13.93
CA SER A 1017 46.56 16.32 -14.49
C SER A 1017 45.09 16.73 -14.42
N PHE A 1018 44.18 15.82 -14.75
CA PHE A 1018 42.75 16.13 -14.67
C PHE A 1018 42.30 16.35 -13.24
N CYS A 1019 42.79 15.52 -12.32
CA CYS A 1019 42.30 15.55 -10.94
C CYS A 1019 42.87 16.72 -10.14
N THR A 1020 44.12 17.10 -10.38
CA THR A 1020 44.73 18.17 -9.59
C THR A 1020 44.43 19.56 -10.16
N ALA A 1021 43.65 19.64 -11.23
CA ALA A 1021 43.24 20.94 -11.75
C ALA A 1021 42.38 21.66 -10.71
N LYS A 1022 42.50 22.99 -10.70
CA LYS A 1022 41.78 23.79 -9.72
C LYS A 1022 40.26 23.65 -9.90
N GLU A 1023 39.80 23.74 -11.15
CA GLU A 1023 38.37 23.65 -11.42
C GLU A 1023 37.81 22.29 -11.01
N THR A 1024 38.53 21.21 -11.37
CA THR A 1024 38.09 19.88 -10.96
C THR A 1024 38.09 19.74 -9.44
N THR A 1025 39.11 20.27 -8.77
CA THR A 1025 39.18 20.17 -7.31
C THR A 1025 38.01 20.89 -6.65
N ILE A 1026 37.69 22.11 -7.10
CA ILE A 1026 36.59 22.84 -6.46
C ILE A 1026 35.24 22.21 -6.83
N ARG A 1027 35.10 21.71 -8.06
CA ARG A 1027 33.82 21.17 -8.49
C ARG A 1027 33.53 19.82 -7.86
N VAL A 1028 34.57 19.03 -7.57
CA VAL A 1028 34.35 17.69 -7.02
C VAL A 1028 34.40 17.70 -5.50
N ASN A 1029 35.37 18.40 -4.90
CA ASN A 1029 35.48 18.46 -3.43
C ASN A 1029 34.53 19.53 -2.90
N ARG A 1030 33.25 19.21 -2.92
CA ARG A 1030 32.22 20.07 -2.36
C ARG A 1030 31.16 19.20 -1.70
N GLN A 1031 30.45 19.79 -0.74
CA GLN A 1031 29.44 19.04 0.00
C GLN A 1031 28.23 18.80 -0.90
N PRO A 1032 27.86 17.55 -1.14
CA PRO A 1032 26.70 17.27 -2.00
C PRO A 1032 25.40 17.68 -1.34
N THR A 1033 24.44 18.05 -2.18
CA THR A 1033 23.11 18.45 -1.75
C THR A 1033 22.21 17.22 -1.67
N THR A 1034 21.03 17.40 -1.07
CA THR A 1034 20.09 16.31 -0.95
C THR A 1034 19.65 15.79 -2.31
N TRP A 1035 19.50 16.71 -3.28
CA TRP A 1035 19.10 16.30 -4.62
C TRP A 1035 20.12 15.34 -5.24
N GLU A 1036 21.42 15.65 -5.09
CA GLU A 1036 22.44 14.75 -5.62
C GLU A 1036 22.50 13.45 -4.84
N LYS A 1037 22.27 13.52 -3.52
CA LYS A 1037 22.28 12.30 -2.71
C LYS A 1037 21.13 11.38 -3.09
N ILE A 1038 20.01 11.93 -3.54
CA ILE A 1038 18.86 11.10 -3.89
C ILE A 1038 19.22 10.14 -5.03
N PHE A 1039 19.91 10.64 -6.05
CA PHE A 1039 20.18 9.88 -7.25
C PHE A 1039 21.51 9.12 -7.21
N ALA A 1040 22.31 9.31 -6.18
CA ALA A 1040 23.63 8.70 -6.21
C ALA A 1040 23.93 7.82 -5.00
N THR A 1041 23.53 8.23 -3.80
CA THR A 1041 23.88 7.49 -2.59
C THR A 1041 22.90 6.37 -2.27
N TYR A 1042 21.81 6.26 -3.02
CA TYR A 1042 20.79 5.23 -2.79
C TYR A 1042 20.99 4.14 -3.83
N SER A 1043 21.35 2.94 -3.37
CA SER A 1043 21.54 1.82 -4.28
C SER A 1043 20.22 1.11 -4.61
N SER A 1044 19.15 1.44 -3.91
CA SER A 1044 17.84 0.84 -4.13
C SER A 1044 16.86 1.88 -4.67
N ASP A 1045 16.00 1.44 -5.57
CA ASP A 1045 15.01 2.30 -6.19
C ASP A 1045 13.72 2.39 -5.39
N LYS A 1046 13.68 1.78 -4.20
CA LYS A 1046 12.49 1.85 -3.35
C LYS A 1046 12.22 3.28 -2.93
N GLY A 1047 10.97 3.71 -3.09
CA GLY A 1047 10.56 5.03 -2.64
C GLY A 1047 11.25 6.20 -3.29
N LEU A 1048 11.58 6.09 -4.59
CA LEU A 1048 12.22 7.20 -5.28
C LEU A 1048 11.26 8.37 -5.45
N ILE A 1049 9.99 8.06 -5.77
CA ILE A 1049 9.01 9.10 -6.01
C ILE A 1049 8.82 9.95 -4.76
N SER A 1050 8.75 9.32 -3.59
CA SER A 1050 8.47 10.06 -2.36
C SER A 1050 9.61 11.01 -2.02
N ARG A 1051 10.86 10.52 -2.08
CA ARG A 1051 12.00 11.38 -1.79
C ARG A 1051 12.11 12.51 -2.81
N ILE A 1052 11.95 12.19 -4.10
CA ILE A 1052 12.10 13.21 -5.12
C ILE A 1052 11.00 14.26 -4.99
N TYR A 1053 9.77 13.81 -4.69
CA TYR A 1053 8.65 14.74 -4.54
C TYR A 1053 8.83 15.62 -3.30
N ASN A 1054 9.31 15.06 -2.20
CA ASN A 1054 9.57 15.87 -1.02
C ASN A 1054 10.65 16.91 -1.30
N GLU A 1055 11.71 16.50 -2.00
CA GLU A 1055 12.76 17.45 -2.34
C GLU A 1055 12.24 18.53 -3.28
N LEU A 1056 11.36 18.16 -4.21
CA LEU A 1056 10.78 19.15 -5.12
C LEU A 1056 9.84 20.11 -4.38
N LYS A 1057 9.12 19.60 -3.38
CA LYS A 1057 8.27 20.47 -2.59
C LYS A 1057 9.10 21.43 -1.75
N GLN A 1058 10.29 20.99 -1.31
CA GLN A 1058 11.22 21.91 -0.66
C GLN A 1058 11.76 22.94 -1.64
N ILE A 1059 12.12 22.51 -2.84
CA ILE A 1059 12.75 23.41 -3.81
C ILE A 1059 11.73 24.42 -4.35
N TYR A 1060 10.53 23.93 -4.69
CA TYR A 1060 9.50 24.75 -5.31
C TYR A 1060 8.56 25.39 -4.29
N LYS A 1061 9.05 25.65 -3.08
CA LYS A 1061 8.23 26.28 -2.05
C LYS A 1061 7.82 27.67 -2.50
N LYS A 1062 6.53 27.97 -2.35
CA LYS A 1062 5.97 29.24 -2.80
C LYS A 1062 5.57 30.09 -1.59
N LYS A 1063 5.77 31.41 -1.72
CA LYS A 1063 5.40 32.32 -0.66
C LYS A 1063 3.89 32.40 -0.53
N THR A 1064 3.38 32.22 0.68
CA THR A 1064 1.95 32.25 0.96
C THR A 1064 1.68 33.22 2.10
N ASN A 1065 0.45 33.72 2.14
CA ASN A 1065 0.02 34.63 3.20
C ASN A 1065 -0.35 33.82 4.43
N ASN A 1066 0.37 34.03 5.52
CA ASN A 1066 0.11 33.29 6.75
C ASN A 1066 -1.14 33.82 7.42
N PRO A 1067 -2.17 33.00 7.63
CA PRO A 1067 -3.37 33.49 8.34
C PRO A 1067 -3.14 33.74 9.81
N ILE A 1068 -2.10 33.15 10.40
CA ILE A 1068 -1.77 33.46 11.79
C ILE A 1068 -1.35 34.91 11.94
N LYS A 1069 -0.67 35.44 10.92
CA LYS A 1069 -0.33 36.87 10.94
C LYS A 1069 -1.59 37.73 10.83
N LYS A 1070 -2.58 37.26 10.06
CA LYS A 1070 -3.86 37.96 10.02
C LYS A 1070 -4.55 37.90 11.38
N TRP A 1071 -4.43 36.78 12.09
CA TRP A 1071 -4.94 36.69 13.45
C TRP A 1071 -4.24 37.69 14.36
N ALA A 1072 -2.92 37.81 14.21
CA ALA A 1072 -2.17 38.79 15.00
C ALA A 1072 -2.64 40.21 14.72
N LYS A 1073 -2.87 40.53 13.44
CA LYS A 1073 -3.42 41.84 13.10
C LYS A 1073 -4.82 42.02 13.65
N ASP A 1074 -5.57 40.92 13.80
CA ASP A 1074 -6.93 41.02 14.32
C ASP A 1074 -6.95 41.49 15.77
N MET A 1075 -6.04 40.97 16.60
CA MET A 1075 -5.98 41.34 18.00
C MET A 1075 -5.07 42.55 18.24
N ASN A 1076 -4.51 43.13 17.19
CA ASN A 1076 -3.57 44.26 17.31
C ASN A 1076 -2.38 43.91 18.20
N ARG A 1077 -1.91 42.66 18.07
CA ARG A 1077 -0.73 42.21 18.80
C ARG A 1077 0.18 41.48 17.82
N HIS A 1078 1.45 41.35 18.19
CA HIS A 1078 2.47 40.79 17.32
C HIS A 1078 2.85 39.39 17.78
N PHE A 1079 2.92 38.45 16.83
CA PHE A 1079 3.37 37.10 17.09
C PHE A 1079 4.80 36.95 16.61
N SER A 1080 5.65 36.37 17.45
CA SER A 1080 7.04 36.12 17.08
C SER A 1080 7.13 34.85 16.24
N LYS A 1081 8.35 34.52 15.83
CA LYS A 1081 8.57 33.25 15.15
C LYS A 1081 8.27 32.08 16.08
N GLU A 1082 8.57 32.24 17.37
CA GLU A 1082 8.24 31.21 18.34
C GLU A 1082 6.74 31.01 18.45
N ASP A 1083 5.98 32.11 18.41
CA ASP A 1083 4.53 32.01 18.48
C ASP A 1083 3.96 31.32 17.24
N ILE A 1084 4.51 31.63 16.06
CA ILE A 1084 4.07 30.96 14.84
C ILE A 1084 4.37 29.47 14.92
N TYR A 1085 5.56 29.13 15.39
CA TYR A 1085 5.93 27.72 15.52
C TYR A 1085 4.98 27.03 16.51
N ALA A 1086 4.67 27.68 17.63
CA ALA A 1086 3.77 27.09 18.62
C ALA A 1086 2.38 26.88 18.04
N ALA A 1087 1.87 27.86 17.30
CA ALA A 1087 0.55 27.72 16.69
C ALA A 1087 0.53 26.59 15.67
N LYS A 1088 1.56 26.51 14.83
CA LYS A 1088 1.63 25.44 13.83
C LYS A 1088 1.75 24.07 14.49
N LYS A 1089 2.54 23.97 15.56
CA LYS A 1089 2.69 22.70 16.26
C LYS A 1089 1.38 22.29 16.94
N HIS A 1090 0.68 23.25 17.54
CA HIS A 1090 -0.62 22.96 18.14
C HIS A 1090 -1.62 22.50 17.08
N MET A 1091 -1.56 23.11 15.90
CA MET A 1091 -2.37 22.64 14.78
C MET A 1091 -1.99 21.21 14.41
N LYS A 1092 -0.68 20.92 14.39
CA LYS A 1092 -0.20 19.59 14.00
C LYS A 1092 -0.65 18.51 14.98
N LYS A 1093 -0.57 18.77 16.28
CA LYS A 1093 -0.77 17.71 17.25
C LYS A 1093 -1.63 18.13 18.43
N CYS A 1094 -2.74 18.82 18.18
CA CYS A 1094 -3.68 19.12 19.25
C CYS A 1094 -4.33 17.85 19.78
N SER A 1095 -4.61 16.89 18.90
CA SER A 1095 -5.17 15.61 19.30
C SER A 1095 -4.84 14.58 18.23
N SER A 1096 -4.90 13.31 18.62
CA SER A 1096 -4.65 12.24 17.67
C SER A 1096 -5.73 12.17 16.61
N SER A 1097 -6.99 12.37 16.99
CA SER A 1097 -8.09 12.27 16.05
C SER A 1097 -8.06 13.40 15.04
N LEU A 1098 -8.49 13.09 13.80
CA LEU A 1098 -8.43 14.09 12.73
C LEU A 1098 -9.61 15.04 12.76
N ALA A 1099 -10.68 14.71 13.48
CA ALA A 1099 -11.79 15.64 13.61
C ALA A 1099 -11.41 16.83 14.50
N ILE A 1100 -10.77 16.54 15.63
CA ILE A 1100 -10.31 17.61 16.53
C ILE A 1100 -9.27 18.47 15.83
N ARG A 1101 -8.33 17.83 15.13
CA ARG A 1101 -7.32 18.58 14.38
C ARG A 1101 -7.96 19.40 13.27
N GLU A 1102 -8.98 18.85 12.61
CA GLU A 1102 -9.67 19.59 11.57
C GLU A 1102 -10.35 20.82 12.14
N MET A 1103 -10.98 20.70 13.31
CA MET A 1103 -11.60 21.85 13.94
C MET A 1103 -10.57 22.90 14.31
N GLN A 1104 -9.43 22.48 14.86
CA GLN A 1104 -8.38 23.42 15.22
C GLN A 1104 -7.81 24.11 13.99
N ILE A 1105 -7.62 23.36 12.91
CA ILE A 1105 -7.13 23.94 11.66
C ILE A 1105 -8.13 24.97 11.14
N LYS A 1106 -9.41 24.63 11.14
CA LYS A 1106 -10.42 25.55 10.66
C LYS A 1106 -10.51 26.80 11.53
N THR A 1107 -10.25 26.68 12.83
CA THR A 1107 -10.23 27.86 13.69
C THR A 1107 -9.02 28.74 13.40
N THR A 1108 -7.83 28.14 13.33
CA THR A 1108 -6.61 28.93 13.18
C THR A 1108 -6.44 29.46 11.76
N MET A 1109 -6.84 28.69 10.76
CA MET A 1109 -6.59 29.05 9.37
C MET A 1109 -7.65 29.98 8.81
N ARG A 1110 -8.52 30.54 9.68
CA ARG A 1110 -9.57 31.47 9.28
C ARG A 1110 -10.51 30.86 8.24
N TYR A 1111 -10.84 29.58 8.46
CA TYR A 1111 -11.77 28.88 7.57
C TYR A 1111 -13.17 29.48 7.62
N HIS A 1112 -13.64 29.83 8.81
CA HIS A 1112 -15.03 30.18 8.99
C HIS A 1112 -15.39 31.50 8.29
N LEU A 1113 -16.66 31.61 7.91
CA LEU A 1113 -17.18 32.75 7.18
C LEU A 1113 -17.70 33.80 8.16
N THR A 1114 -17.50 35.06 7.83
CA THR A 1114 -17.83 36.11 8.78
C THR A 1114 -18.79 37.13 8.18
N PRO A 1115 -19.55 37.85 9.02
CA PRO A 1115 -20.42 38.90 8.47
C PRO A 1115 -19.69 39.96 7.67
N VAL A 1116 -18.49 40.34 8.10
CA VAL A 1116 -17.71 41.32 7.34
C VAL A 1116 -17.33 40.75 5.98
N ARG A 1117 -16.77 39.55 5.96
CA ARG A 1117 -16.35 38.93 4.71
C ARG A 1117 -17.54 38.72 3.79
N MET A 1118 -18.64 38.16 4.32
CA MET A 1118 -19.80 37.88 3.48
C MET A 1118 -20.47 39.15 2.98
N ALA A 1119 -20.49 40.19 3.82
CA ALA A 1119 -20.99 41.48 3.38
C ALA A 1119 -20.14 42.01 2.22
N ILE A 1120 -18.83 41.72 2.27
CA ILE A 1120 -17.96 42.14 1.18
C ILE A 1120 -18.24 41.32 -0.08
N ILE A 1121 -18.43 40.01 0.06
CA ILE A 1121 -18.65 39.16 -1.12
C ILE A 1121 -19.93 39.56 -1.83
N LYS A 1122 -21.01 39.75 -1.09
CA LYS A 1122 -22.27 40.18 -1.68
C LYS A 1122 -22.26 41.66 -2.05
N LYS A 1123 -21.18 42.36 -1.74
CA LYS A 1123 -21.03 43.78 -2.08
C LYS A 1123 -22.10 44.62 -1.41
N SER A 1124 -22.68 44.07 -0.35
CA SER A 1124 -23.70 44.74 0.44
C SER A 1124 -23.04 45.46 1.62
N GLY A 1125 -23.84 45.95 2.55
CA GLY A 1125 -23.31 46.62 3.73
C GLY A 1125 -23.73 45.95 5.01
N ASN A 1126 -24.21 44.70 4.92
CA ASN A 1126 -24.68 43.96 6.08
C ASN A 1126 -23.49 43.27 6.73
N ASN A 1127 -22.59 44.09 7.30
CA ASN A 1127 -21.44 43.61 8.03
C ASN A 1127 -21.68 43.51 9.53
N ARG A 1128 -22.90 43.77 9.98
CA ARG A 1128 -23.23 43.61 11.39
C ARG A 1128 -23.08 42.15 11.80
N CYS A 1129 -22.64 41.93 13.04
CA CYS A 1129 -22.36 40.58 13.50
C CYS A 1129 -23.63 39.74 13.53
N TRP A 1130 -23.48 38.47 13.19
CA TRP A 1130 -24.59 37.54 13.24
C TRP A 1130 -25.05 37.36 14.68
N ARG A 1131 -26.21 36.72 14.81
CA ARG A 1131 -26.85 36.37 16.08
C ARG A 1131 -27.42 37.60 16.79
N GLY A 1132 -27.05 38.79 16.32
CA GLY A 1132 -27.67 40.02 16.76
C GLY A 1132 -26.94 40.62 17.95
N CYS A 1133 -26.11 41.63 17.71
CA CYS A 1133 -25.54 42.40 18.82
C CYS A 1133 -25.47 43.90 18.56
N GLY A 1134 -25.47 44.36 17.32
CA GLY A 1134 -25.19 45.74 17.00
C GLY A 1134 -23.72 46.08 16.86
N GLU A 1135 -22.85 45.09 16.81
CA GLU A 1135 -21.41 45.28 16.71
C GLU A 1135 -20.89 44.70 15.40
N ILE A 1136 -19.69 45.13 15.02
CA ILE A 1136 -19.10 44.70 13.75
C ILE A 1136 -18.67 43.24 13.87
N GLY A 1137 -19.05 42.45 12.87
CA GLY A 1137 -18.80 41.02 12.91
C GLY A 1137 -17.51 40.55 12.28
N THR A 1138 -16.38 40.84 12.92
CA THR A 1138 -15.10 40.30 12.47
C THR A 1138 -14.95 38.86 12.94
N LEU A 1139 -13.86 38.22 12.50
CA LEU A 1139 -13.59 36.85 12.94
C LEU A 1139 -13.31 36.81 14.44
N LEU A 1140 -12.55 37.78 14.95
CA LEU A 1140 -12.27 37.83 16.37
C LEU A 1140 -13.55 38.13 17.16
N HIS A 1141 -14.47 38.90 16.56
CA HIS A 1141 -15.75 39.16 17.22
C HIS A 1141 -16.59 37.90 17.26
N CYS A 1142 -16.72 37.20 16.12
CA CYS A 1142 -17.55 36.00 16.08
C CYS A 1142 -17.01 34.92 17.00
N TRP A 1143 -15.68 34.74 17.03
CA TRP A 1143 -15.10 33.71 17.88
C TRP A 1143 -15.06 34.14 19.33
N TRP A 1144 -14.59 35.36 19.60
CA TRP A 1144 -14.24 35.78 20.96
C TRP A 1144 -15.10 36.93 21.48
N ASP A 1145 -15.14 38.06 20.78
CA ASP A 1145 -15.56 39.32 21.37
C ASP A 1145 -17.08 39.53 21.41
N CYS A 1146 -17.86 38.68 20.77
CA CYS A 1146 -19.30 38.88 20.75
C CYS A 1146 -19.88 38.67 22.14
N LYS A 1147 -20.82 39.55 22.52
CA LYS A 1147 -21.44 39.45 23.83
C LYS A 1147 -22.27 38.18 23.98
N LEU A 1148 -22.57 37.49 22.88
CA LEU A 1148 -23.36 36.27 22.97
C LEU A 1148 -22.47 35.06 23.21
N VAL A 1149 -21.30 34.99 22.57
CA VAL A 1149 -20.36 33.90 22.78
C VAL A 1149 -19.50 34.13 24.02
N GLN A 1150 -19.36 35.38 24.48
CA GLN A 1150 -18.48 35.69 25.61
C GLN A 1150 -18.81 34.91 26.86
N PRO A 1151 -20.08 34.72 27.26
CA PRO A 1151 -20.34 33.95 28.49
C PRO A 1151 -19.81 32.53 28.44
N LEU A 1152 -19.78 31.91 27.25
CA LEU A 1152 -19.18 30.58 27.14
C LEU A 1152 -17.70 30.61 27.47
N TRP A 1153 -16.99 31.62 26.99
CA TRP A 1153 -15.57 31.71 27.30
C TRP A 1153 -15.35 32.06 28.77
N LYS A 1154 -16.25 32.83 29.36
CA LYS A 1154 -16.15 33.09 30.80
C LYS A 1154 -16.35 31.80 31.59
N SER A 1155 -17.29 30.95 31.16
CA SER A 1155 -17.46 29.64 31.80
C SER A 1155 -16.23 28.77 31.62
N VAL A 1156 -15.63 28.80 30.43
CA VAL A 1156 -14.41 28.04 30.18
C VAL A 1156 -13.29 28.51 31.11
N TRP A 1157 -13.17 29.83 31.30
CA TRP A 1157 -12.13 30.34 32.17
C TRP A 1157 -12.42 30.04 33.63
N ARG A 1158 -13.69 30.00 34.02
CA ARG A 1158 -14.02 29.54 35.37
C ARG A 1158 -13.60 28.09 35.57
N PHE A 1159 -13.87 27.24 34.58
CA PHE A 1159 -13.44 25.85 34.64
C PHE A 1159 -11.92 25.76 34.75
N LEU A 1160 -11.21 26.62 34.00
CA LEU A 1160 -9.76 26.68 34.13
C LEU A 1160 -9.37 27.12 35.54
N ARG A 1161 -10.14 28.02 36.14
CA ARG A 1161 -9.78 28.58 37.43
C ARG A 1161 -9.88 27.55 38.54
N ASP A 1162 -10.94 26.75 38.54
CA ASP A 1162 -11.01 25.76 39.62
C ASP A 1162 -10.15 24.52 39.33
N LEU A 1163 -9.45 24.48 38.19
CA LEU A 1163 -8.38 23.53 37.95
C LEU A 1163 -7.04 24.04 38.45
N GLU A 1164 -7.04 25.10 39.27
CA GLU A 1164 -5.82 25.72 39.77
C GLU A 1164 -4.91 26.18 38.62
N LEU A 1165 -5.52 26.67 37.55
CA LEU A 1165 -4.79 27.17 36.38
C LEU A 1165 -5.01 28.67 36.27
N GLU A 1166 -3.92 29.42 36.28
CA GLU A 1166 -3.96 30.87 36.10
C GLU A 1166 -3.57 31.16 34.65
N ILE A 1167 -4.56 31.11 33.77
CA ILE A 1167 -4.36 31.32 32.34
C ILE A 1167 -4.89 32.71 32.00
N PRO A 1168 -4.11 33.55 31.32
CA PRO A 1168 -4.59 34.90 30.99
C PRO A 1168 -5.74 34.84 29.99
N PHE A 1169 -6.56 35.89 30.03
CA PHE A 1169 -7.74 35.96 29.18
C PHE A 1169 -7.34 36.45 27.79
N ASP A 1170 -6.58 35.63 27.07
CA ASP A 1170 -6.03 35.97 25.77
C ASP A 1170 -6.75 35.18 24.70
N PRO A 1171 -7.35 35.81 23.69
CA PRO A 1171 -8.01 35.03 22.64
C PRO A 1171 -7.08 34.10 21.88
N ALA A 1172 -5.80 34.45 21.78
CA ALA A 1172 -4.86 33.60 21.07
C ALA A 1172 -4.76 32.23 21.71
N ILE A 1173 -4.87 32.15 23.03
CA ILE A 1173 -4.69 30.87 23.73
C ILE A 1173 -5.70 29.82 23.26
N PRO A 1174 -7.01 30.06 23.25
CA PRO A 1174 -7.91 29.04 22.70
C PRO A 1174 -7.99 29.07 21.19
N LEU A 1175 -7.93 30.25 20.57
CA LEU A 1175 -8.20 30.33 19.13
C LEU A 1175 -7.07 29.72 18.31
N LEU A 1176 -5.82 29.85 18.75
CA LEU A 1176 -4.69 29.33 18.00
C LEU A 1176 -3.75 28.44 18.80
N GLY A 1177 -3.86 28.41 20.13
CA GLY A 1177 -2.92 27.66 20.92
C GLY A 1177 -1.63 28.38 21.22
N ILE A 1178 -1.60 29.70 21.04
CA ILE A 1178 -0.42 30.50 21.32
C ILE A 1178 -0.43 30.87 22.80
N TYR A 1179 0.64 30.48 23.49
CA TYR A 1179 0.79 30.68 24.93
C TYR A 1179 1.89 31.69 25.22
N PRO A 1180 1.84 32.35 26.38
CA PRO A 1180 2.96 33.20 26.79
C PRO A 1180 4.23 32.39 26.96
N ASN A 1181 5.36 33.07 26.76
CA ASN A 1181 6.66 32.39 26.76
C ASN A 1181 6.96 31.73 28.11
N GLU A 1182 6.35 32.23 29.19
CA GLU A 1182 6.63 31.71 30.52
C GLU A 1182 5.75 30.52 30.89
N TYR A 1183 4.87 30.07 29.99
CA TYR A 1183 4.03 28.90 30.25
C TYR A 1183 4.67 27.67 29.62
N LYS A 1184 5.87 27.36 30.11
CA LYS A 1184 6.65 26.25 29.57
C LYS A 1184 6.15 24.89 30.06
N SER A 1185 5.43 24.83 31.17
CA SER A 1185 4.97 23.56 31.71
C SER A 1185 3.88 22.98 30.80
N CYS A 1186 4.03 21.70 30.45
CA CYS A 1186 3.14 21.04 29.51
C CYS A 1186 2.22 20.02 30.18
N CYS A 1187 2.18 19.98 31.50
CA CYS A 1187 1.31 19.02 32.18
C CYS A 1187 -0.16 19.42 32.08
N TYR A 1188 -0.46 20.66 31.69
CA TYR A 1188 -1.83 21.12 31.52
C TYR A 1188 -2.13 21.51 30.07
N LYS A 1189 -1.23 21.19 29.14
CA LYS A 1189 -1.46 21.54 27.75
C LYS A 1189 -2.66 20.77 27.17
N ASP A 1190 -2.72 19.47 27.43
CA ASP A 1190 -3.73 18.63 26.80
C ASP A 1190 -5.13 18.92 27.33
N THR A 1191 -5.26 19.10 28.64
CA THR A 1191 -6.58 19.40 29.21
C THR A 1191 -7.10 20.72 28.67
N CYS A 1192 -6.26 21.75 28.67
CA CYS A 1192 -6.67 23.04 28.13
C CYS A 1192 -7.01 22.94 26.66
N THR A 1193 -6.25 22.16 25.90
CA THR A 1193 -6.55 21.97 24.48
C THR A 1193 -7.93 21.33 24.32
N ARG A 1194 -8.23 20.31 25.12
CA ARG A 1194 -9.55 19.67 25.03
C ARG A 1194 -10.67 20.65 25.33
N MET A 1195 -10.56 21.41 26.43
CA MET A 1195 -11.61 22.35 26.77
C MET A 1195 -11.77 23.43 25.70
N PHE A 1196 -10.65 23.99 25.23
CA PHE A 1196 -10.73 25.08 24.24
C PHE A 1196 -11.31 24.58 22.93
N ILE A 1197 -10.92 23.39 22.49
CA ILE A 1197 -11.40 22.90 21.20
C ILE A 1197 -12.86 22.48 21.30
N ALA A 1198 -13.30 21.95 22.44
CA ALA A 1198 -14.73 21.70 22.63
C ALA A 1198 -15.52 23.01 22.63
N ALA A 1199 -14.95 24.06 23.23
CA ALA A 1199 -15.60 25.37 23.18
C ALA A 1199 -15.69 25.88 21.74
N LEU A 1200 -14.64 25.68 20.95
CA LEU A 1200 -14.69 26.07 19.55
C LEU A 1200 -15.76 25.27 18.80
N PHE A 1201 -15.89 23.98 19.11
CA PHE A 1201 -16.90 23.15 18.49
C PHE A 1201 -18.31 23.67 18.80
N THR A 1202 -18.58 23.99 20.06
CA THR A 1202 -19.92 24.45 20.40
C THR A 1202 -20.17 25.88 19.93
N ILE A 1203 -19.11 26.68 19.73
CA ILE A 1203 -19.29 28.00 19.14
C ILE A 1203 -19.65 27.86 17.67
N ALA A 1204 -18.94 27.01 16.94
CA ALA A 1204 -19.27 26.78 15.53
C ALA A 1204 -20.63 26.12 15.39
N LYS A 1205 -21.07 25.37 16.40
CA LYS A 1205 -22.39 24.76 16.37
C LYS A 1205 -23.48 25.81 16.17
N THR A 1206 -23.31 26.99 16.77
CA THR A 1206 -24.30 28.07 16.73
C THR A 1206 -23.70 29.33 16.10
N TRP A 1207 -23.05 29.17 14.94
CA TRP A 1207 -22.21 30.23 14.39
C TRP A 1207 -23.01 31.50 14.11
N ASN A 1208 -24.23 31.39 13.61
CA ASN A 1208 -25.03 32.57 13.28
C ASN A 1208 -26.37 32.53 14.00
N GLN A 1209 -26.51 31.59 14.93
CA GLN A 1209 -27.76 31.39 15.65
C GLN A 1209 -27.93 32.45 16.71
N PRO A 1210 -29.06 33.17 16.74
CA PRO A 1210 -29.23 34.25 17.72
C PRO A 1210 -29.12 33.78 19.16
N LYS A 1211 -29.42 32.52 19.45
CA LYS A 1211 -29.23 32.01 20.80
C LYS A 1211 -27.75 31.88 21.11
N CYS A 1212 -27.38 32.24 22.34
CA CYS A 1212 -25.98 32.19 22.74
C CYS A 1212 -25.54 30.75 23.00
N PRO A 1213 -24.27 30.42 22.70
CA PRO A 1213 -23.75 29.12 23.10
C PRO A 1213 -23.74 28.99 24.62
N THR A 1214 -24.08 27.81 25.10
CA THR A 1214 -24.26 27.57 26.53
C THR A 1214 -23.17 26.64 27.06
N MET A 1215 -23.00 26.68 28.38
CA MET A 1215 -22.01 25.82 29.03
C MET A 1215 -22.38 24.36 28.91
N ILE A 1216 -23.68 24.04 28.89
CA ILE A 1216 -24.09 22.63 28.89
C ILE A 1216 -23.71 21.95 27.58
N ASP A 1217 -23.88 22.63 26.44
CA ASP A 1217 -23.49 22.03 25.17
C ASP A 1217 -21.98 21.87 25.08
N TRP A 1218 -21.23 22.84 25.63
CA TRP A 1218 -19.77 22.73 25.69
C TRP A 1218 -19.36 21.52 26.52
N ILE A 1219 -20.05 21.31 27.65
CA ILE A 1219 -19.74 20.17 28.51
C ILE A 1219 -20.11 18.86 27.81
N LYS A 1220 -21.21 18.87 27.04
CA LYS A 1220 -21.57 17.68 26.27
C LYS A 1220 -20.53 17.35 25.21
N LYS A 1221 -20.00 18.37 24.53
CA LYS A 1221 -18.94 18.12 23.56
C LYS A 1221 -17.67 17.62 24.24
N MET A 1222 -17.33 18.18 25.40
CA MET A 1222 -16.20 17.68 26.16
C MET A 1222 -16.41 16.23 26.58
N TRP A 1223 -17.63 15.87 26.97
CA TRP A 1223 -17.87 14.49 27.38
C TRP A 1223 -17.84 13.54 26.19
N HIS A 1224 -18.29 13.99 25.02
CA HIS A 1224 -18.15 13.18 23.82
C HIS A 1224 -16.68 12.93 23.50
N ILE A 1225 -15.86 13.99 23.55
CA ILE A 1225 -14.42 13.84 23.32
C ILE A 1225 -13.82 12.92 24.37
N TYR A 1226 -14.24 13.07 25.62
CA TYR A 1226 -13.71 12.26 26.71
C TYR A 1226 -14.04 10.78 26.51
N THR A 1227 -15.27 10.47 26.13
CA THR A 1227 -15.66 9.09 25.86
C THR A 1227 -14.87 8.52 24.70
N MET A 1228 -14.73 9.30 23.62
CA MET A 1228 -13.99 8.84 22.45
C MET A 1228 -12.55 8.52 22.82
N GLU A 1229 -11.87 9.46 23.48
CA GLU A 1229 -10.47 9.23 23.85
C GLU A 1229 -10.33 8.16 24.92
N TYR A 1230 -11.35 7.97 25.77
CA TYR A 1230 -11.28 6.90 26.76
C TYR A 1230 -11.27 5.53 26.09
N TYR A 1231 -12.21 5.28 25.18
CA TYR A 1231 -12.21 3.99 24.51
C TYR A 1231 -11.02 3.87 23.56
N ALA A 1232 -10.54 4.98 23.00
CA ALA A 1232 -9.32 4.93 22.19
C ALA A 1232 -8.12 4.51 23.02
N ALA A 1233 -7.98 5.05 24.23
CA ALA A 1233 -6.89 4.67 25.11
C ALA A 1233 -7.03 3.25 25.61
N ILE A 1234 -8.26 2.81 25.87
CA ILE A 1234 -8.49 1.42 26.29
C ILE A 1234 -8.06 0.46 25.18
N LYS A 1235 -8.42 0.78 23.93
CA LYS A 1235 -8.07 -0.10 22.83
C LYS A 1235 -6.60 0.01 22.43
N ASN A 1236 -6.00 1.19 22.57
CA ASN A 1236 -4.63 1.42 22.13
C ASN A 1236 -3.63 1.33 23.27
N ASP A 1237 -4.05 0.90 24.45
CA ASP A 1237 -3.16 0.73 25.61
C ASP A 1237 -2.45 2.04 25.96
N GLU A 1238 -3.21 3.13 25.99
CA GLU A 1238 -2.69 4.45 26.32
C GLU A 1238 -3.51 5.09 27.43
N PHE A 1239 -3.88 4.27 28.43
CA PHE A 1239 -4.83 4.71 29.44
C PHE A 1239 -4.21 5.71 30.41
N ILE A 1240 -2.93 5.56 30.72
CA ILE A 1240 -2.31 6.37 31.77
C ILE A 1240 -2.26 7.84 31.35
N SER A 1241 -1.80 8.12 30.13
CA SER A 1241 -1.71 9.51 29.68
C SER A 1241 -3.10 10.12 29.52
N PHE A 1242 -4.07 9.32 29.08
CA PHE A 1242 -5.45 9.81 29.00
C PHE A 1242 -5.98 10.20 30.37
N VAL A 1243 -5.74 9.36 31.39
CA VAL A 1243 -6.20 9.66 32.74
C VAL A 1243 -5.50 10.91 33.27
N GLY A 1244 -4.23 11.07 32.93
CA GLY A 1244 -3.50 12.24 33.39
C GLY A 1244 -4.09 13.55 32.89
N THR A 1245 -4.65 13.56 31.70
CA THR A 1245 -5.17 14.77 31.07
C THR A 1245 -6.69 14.83 31.05
N TRP A 1246 -7.37 13.89 31.70
CA TRP A 1246 -8.83 13.86 31.66
C TRP A 1246 -9.49 13.58 33.01
N MET A 1247 -8.73 13.31 34.08
CA MET A 1247 -9.34 12.95 35.34
C MET A 1247 -9.87 14.17 36.09
N LYS A 1248 -8.99 15.16 36.30
CA LYS A 1248 -9.41 16.35 37.06
C LYS A 1248 -10.51 17.11 36.33
N LEU A 1249 -10.39 17.23 34.99
CA LEU A 1249 -11.42 17.91 34.23
C LEU A 1249 -12.75 17.17 34.33
N GLU A 1250 -12.73 15.83 34.28
CA GLU A 1250 -13.98 15.08 34.41
C GLU A 1250 -14.58 15.24 35.81
N THR A 1251 -13.75 15.24 36.85
CA THR A 1251 -14.28 15.42 38.19
C THR A 1251 -14.92 16.80 38.35
N ILE A 1252 -14.28 17.83 37.78
CA ILE A 1252 -14.88 19.17 37.85
C ILE A 1252 -16.16 19.24 37.03
N ILE A 1253 -16.21 18.55 35.89
CA ILE A 1253 -17.44 18.47 35.11
C ILE A 1253 -18.56 17.87 35.95
N LEU A 1254 -18.29 16.74 36.59
CA LEU A 1254 -19.31 16.08 37.40
C LEU A 1254 -19.72 16.94 38.58
N SER A 1255 -18.76 17.63 39.20
CA SER A 1255 -19.06 18.47 40.35
C SER A 1255 -19.80 19.75 39.97
N LYS A 1256 -19.72 20.16 38.70
CA LYS A 1256 -20.41 21.35 38.23
C LYS A 1256 -21.64 21.03 37.40
N LEU A 1257 -22.19 19.81 37.52
CA LEU A 1257 -23.42 19.43 36.86
C LEU A 1257 -24.41 18.87 37.88
N SER A 1258 -25.68 19.12 37.63
CA SER A 1258 -26.74 18.56 38.47
C SER A 1258 -27.02 17.12 38.06
N GLN A 1259 -27.72 16.41 38.94
CA GLN A 1259 -28.05 15.01 38.66
C GLN A 1259 -29.00 14.89 37.47
N GLU A 1260 -29.94 15.83 37.34
CA GLU A 1260 -30.86 15.80 36.21
C GLU A 1260 -30.12 15.95 34.89
N GLN A 1261 -29.16 16.87 34.83
CA GLN A 1261 -28.39 17.07 33.61
C GLN A 1261 -27.55 15.84 33.29
N LYS A 1262 -26.94 15.23 34.31
CA LYS A 1262 -26.12 14.05 34.08
C LYS A 1262 -26.95 12.87 33.60
N THR A 1263 -28.15 12.70 34.17
CA THR A 1263 -29.01 11.60 33.74
C THR A 1263 -29.56 11.83 32.34
N LYS A 1264 -30.05 13.04 32.06
CA LYS A 1264 -30.66 13.32 30.76
C LYS A 1264 -29.63 13.27 29.65
N HIS A 1265 -28.45 13.84 29.86
CA HIS A 1265 -27.42 13.93 28.83
C HIS A 1265 -26.44 12.76 28.85
N ARG A 1266 -26.64 11.79 29.74
CA ARG A 1266 -25.80 10.59 29.83
C ARG A 1266 -24.34 10.96 30.05
N ILE A 1267 -24.08 11.77 31.08
CA ILE A 1267 -22.73 12.13 31.48
C ILE A 1267 -22.42 11.44 32.80
N PHE A 1268 -21.42 10.57 32.78
CA PHE A 1268 -20.98 9.89 34.00
C PHE A 1268 -19.52 9.49 33.80
N SER A 1269 -18.82 9.30 34.92
CA SER A 1269 -17.41 8.99 34.87
C SER A 1269 -17.17 7.60 34.28
N LEU A 1270 -16.21 7.52 33.37
CA LEU A 1270 -15.79 6.25 32.80
C LEU A 1270 -14.53 5.69 33.43
N ILE A 1271 -13.95 6.40 34.41
CA ILE A 1271 -12.69 6.00 35.01
C ILE A 1271 -12.86 5.92 36.53
N GLY A 1272 -11.99 5.14 37.15
CA GLY A 1272 -11.95 4.97 38.59
C GLY A 1272 -10.81 5.73 39.23
N GLY A 1273 -10.28 5.17 40.30
CA GLY A 1273 -9.15 5.76 41.00
C GLY A 1273 -7.78 5.47 40.40
N ASN A 1274 -7.72 4.69 39.33
CA ASN A 1274 -6.45 4.37 38.69
C ASN A 1274 -6.29 5.14 37.38
PG DTP F . -7.83 -15.48 -16.64
O1G DTP F . -8.78 -16.46 -17.25
O2G DTP F . -6.67 -15.09 -17.56
O3G DTP F . -8.51 -14.21 -16.13
PB DTP F . -5.85 -15.91 -14.46
O1B DTP F . -6.00 -16.61 -13.17
O2B DTP F . -4.64 -16.29 -15.31
O3B DTP F . -7.14 -16.11 -15.36
PA DTP F . -4.69 -13.18 -14.35
O1A DTP F . -3.95 -13.23 -15.62
O2A DTP F . -5.40 -11.85 -14.07
O3A DTP F . -5.80 -14.33 -14.29
O5' DTP F . -3.75 -13.49 -13.12
C5' DTP F . -2.68 -14.45 -13.22
C4' DTP F . -2.44 -15.06 -11.87
O4' DTP F . -2.34 -14.01 -10.87
C3' DTP F . -3.56 -15.96 -11.38
O3' DTP F . -3.36 -17.30 -11.82
C2' DTP F . -3.43 -15.86 -9.86
C1' DTP F . -2.86 -14.47 -9.64
N9 DTP F . -3.85 -13.49 -9.18
C8 DTP F . -4.45 -12.51 -9.91
N7 DTP F . -5.31 -11.79 -9.24
C5 DTP F . -5.26 -12.34 -7.96
C6 DTP F . -5.94 -12.03 -6.77
N6 DTP F . -6.83 -11.03 -6.65
N1 DTP F . -5.67 -12.77 -5.68
C2 DTP F . -4.77 -13.77 -5.79
N3 DTP F . -4.07 -14.15 -6.85
C4 DTP F . -4.37 -13.39 -7.92
ZN ZN G . -21.46 39.88 17.67
MN MN H . -4.14 -14.94 -16.96
#